data_7C77
#
_entry.id   7C77
#
_cell.length_a   1.00
_cell.length_b   1.00
_cell.length_c   1.00
_cell.angle_alpha   90.00
_cell.angle_beta   90.00
_cell.angle_gamma   90.00
#
_symmetry.space_group_name_H-M   'P 1'
#
loop_
_entity.id
_entity.type
_entity.pdbx_description
1 polymer 'Toll-like receptor 3'
2 polymer 'Protein unc-93 homolog B1'
3 branched beta-D-mannopyranose-(1-4)-2-acetamido-2-deoxy-beta-D-glucopyranose-(1-4)-2-acetamido-2-deoxy-beta-D-glucopyranose
4 branched 2-acetamido-2-deoxy-beta-D-glucopyranose-(1-4)-2-acetamido-2-deoxy-beta-D-glucopyranose
5 non-polymer 2-acetamido-2-deoxy-beta-D-glucopyranose
#
loop_
_entity_poly.entity_id
_entity_poly.type
_entity_poly.pdbx_seq_one_letter_code
_entity_poly.pdbx_strand_id
1 'polypeptide(L)'
;MKGCSSYLMYSFGGLLSLWILLVSSTNQCTVRYNVADCSHLKLTHIPDDLPSNITVLNLTHNQLRRLPPTNFTRYSQLAI
LDAGFNSISKLEPELCQILPLLKVLNLQHNELSQISDQTFVFCTNLTELDLMSNSIHKIKSNPFKNQKNLIKLDLSHNGL
SSTKLGTGVQLENLQELLLAKNKILALRSEELEFLGNSSLRKLDLSSNPLKEFSPGCFQTIGKLFALLLNNAQLNPHLTE
KLCWELSNTSIQNLSLANNQLLATSESTFSGLKWTNLTQLDLSYNNLHDVGNGSFSYLPSLRYLSLEYNNIQRLSPRSFY
GLSNLRYLSLKRAFTKQSVSLASHPNIDDFSFQWLKYLEYLNMDDNNIPSTKSNTFTGLVSLKYLSLSKTFTSLQTLTNE
TFVSLAHSPLLTLNLTKNHISKIANGTFSWLGQLRILDLGLNEIEQKLSGQEWRGLRNIFEIYLSYNKYLQLSTSSFALV
PSLQRLMLRRVALKNVDISPSPFRPLRNLTILDLSNNNIANINEDLLEGLENLEILDFQHNNLARLWKRANPGGPVNFLK
GLSHLHILNLESNGLDEIPVGVFKNLFELKSINLGLNNLNKLEPFIFDDQTSLRSLNLQKNLITSVEKDVFGPPFQNLNS
LDMRFNPFDCTCESISWFVNWINQTHTNISELSTHYLCNTPHHYYGFPLKLFDTSSCKDSAPFELLFIISTSMLLVFILV
VLLIHIEGWRISFYWNVSVHRILGFKEIDTQAEQFEYTAYIIHAHKDRDWVWEHFSPMEEQDQSLKFCLEERDFEAGVLG
LEAIVNSIKRSRKIIFVITHHLLKDPLCRRFKVHHAVQQAIEQNLDSIILIFLQNIPDYKLNHALCLRRGMFKSHCILNW
PVQKERINAFHHKLQVALGSRNSAH
;
A
2 'polypeptide(L)'
;MEVEPPLYPVAGAAGPQGDEDRHGVPDGPEAPLDELVGAYPNYNEEEEERRYYRRKRLGVVKNVLAASTGVTLTYGVYLG
LLQMQLILHYDETYREVKYGNMGLPDIDSKMLMGINVTPIAALLYTPVLIRFFGTKWMMFLAVGIYALFVSTNYWERYYT
LVPSAVALGMAIVPLWASMGNYITRMSQKYYEYSHYKEQDEQGPQQRPPRGSHAPYLLVFQAIFYSFFHLSFACAQLPMI
YFLNNYLYDLNHTLINVQSCGTKSQGILNGFNKTVLRTLPRSKNLIVVESVLMAVAFLAMLMVLGLCGAAYRPTEEIDLR
SVGWGNIFQLPFKHVRDFRLRHLVPFFIYSGFEVLFACTGFALGYGVCSMGLERLAYLLIAYSLGASASSVLGLLGLWLP
RSVPLVAGAGLHLLLTLSLFFWAPAPRVLQHSWIFYFVAALWGVGSALNKTGLSTLLGILYEDKERQDFIFTIYHWWQAV
AIFVVYLGSSLPMKAKLAVLLVTLVAAAASYLWMEQKLQQGLVPRQPRIPKPQHKVRGYRYLEEDNSDESDMEGEQGQGD
CAEDEAPQAGPLGAEPAGPCRKPCPYEQALGGDGPEEQ
;
B
#
# COMPACT_ATOMS: atom_id res chain seq x y z
N GLN A 28 -17.69 -32.53 -8.65
CA GLN A 28 -19.09 -32.77 -8.35
C GLN A 28 -19.37 -32.56 -6.87
N CYS A 29 -19.50 -33.65 -6.12
CA CYS A 29 -19.74 -33.57 -4.68
C CYS A 29 -18.44 -33.34 -3.94
N THR A 30 -18.47 -32.41 -2.99
CA THR A 30 -17.28 -32.05 -2.23
C THR A 30 -16.97 -33.11 -1.18
N VAL A 31 -15.71 -33.49 -1.07
CA VAL A 31 -15.24 -34.49 -0.11
C VAL A 31 -14.20 -33.82 0.78
N ARG A 32 -14.34 -33.98 2.09
CA ARG A 32 -13.42 -33.42 3.06
C ARG A 32 -12.91 -34.55 3.95
N TYR A 33 -13.29 -34.62 5.22
CA TYR A 33 -12.81 -35.67 6.14
C TYR A 33 -13.96 -36.65 6.36
N ASN A 34 -13.95 -37.73 5.59
CA ASN A 34 -14.95 -38.80 5.68
C ASN A 34 -16.38 -38.29 5.44
N VAL A 35 -16.53 -37.14 4.79
CA VAL A 35 -17.83 -36.55 4.50
C VAL A 35 -17.95 -36.32 3.00
N ALA A 36 -19.19 -36.18 2.54
CA ALA A 36 -19.51 -35.98 1.14
C ALA A 36 -20.49 -34.81 1.03
N ASP A 37 -19.96 -33.60 0.89
CA ASP A 37 -20.80 -32.41 0.71
C ASP A 37 -21.30 -32.40 -0.73
N CYS A 38 -22.49 -32.96 -0.94
CA CYS A 38 -23.10 -33.10 -2.26
C CYS A 38 -24.52 -32.56 -2.23
N SER A 39 -24.68 -31.35 -1.69
CA SER A 39 -25.99 -30.77 -1.47
C SER A 39 -26.47 -29.96 -2.67
N HIS A 40 -26.14 -28.67 -2.69
CA HIS A 40 -26.68 -27.74 -3.69
C HIS A 40 -25.97 -27.93 -5.03
N LEU A 41 -26.23 -29.09 -5.63
CA LEU A 41 -25.74 -29.38 -6.98
C LEU A 41 -26.83 -29.83 -7.93
N LYS A 42 -28.08 -30.00 -7.46
CA LYS A 42 -29.21 -30.36 -8.32
C LYS A 42 -28.97 -31.67 -9.05
N LEU A 43 -28.52 -32.68 -8.32
CA LEU A 43 -28.21 -33.99 -8.89
C LEU A 43 -29.39 -34.94 -8.72
N THR A 44 -29.60 -35.78 -9.72
CA THR A 44 -30.71 -36.72 -9.75
C THR A 44 -30.31 -38.16 -9.44
N HIS A 45 -29.25 -38.65 -10.06
CA HIS A 45 -28.80 -40.02 -9.87
C HIS A 45 -27.90 -40.11 -8.63
N ILE A 46 -27.51 -41.33 -8.30
CA ILE A 46 -26.62 -41.59 -7.16
C ILE A 46 -25.18 -41.48 -7.65
N PRO A 47 -24.36 -40.62 -7.08
CA PRO A 47 -22.97 -40.51 -7.53
C PRO A 47 -22.11 -41.64 -7.00
N ASP A 48 -21.12 -42.02 -7.82
CA ASP A 48 -20.22 -43.11 -7.49
C ASP A 48 -18.75 -42.71 -7.46
N ASP A 49 -18.42 -41.46 -7.78
CA ASP A 49 -17.03 -41.02 -7.78
C ASP A 49 -16.47 -40.75 -6.39
N LEU A 50 -17.31 -40.78 -5.36
CA LEU A 50 -16.83 -40.56 -4.00
C LEU A 50 -15.98 -41.75 -3.53
N PRO A 51 -15.05 -41.52 -2.61
CA PRO A 51 -14.21 -42.63 -2.12
C PRO A 51 -15.05 -43.70 -1.44
N SER A 52 -14.48 -44.90 -1.37
CA SER A 52 -15.16 -46.07 -0.82
C SER A 52 -14.99 -46.21 0.68
N ASN A 53 -14.11 -45.42 1.30
CA ASN A 53 -13.90 -45.45 2.74
C ASN A 53 -14.61 -44.29 3.42
N ILE A 54 -15.75 -43.87 2.88
CA ILE A 54 -16.46 -42.71 3.39
C ILE A 54 -17.53 -43.18 4.38
N THR A 55 -17.91 -42.28 5.29
CA THR A 55 -18.89 -42.59 6.32
C THR A 55 -20.03 -41.57 6.42
N VAL A 56 -19.99 -40.50 5.64
CA VAL A 56 -21.02 -39.48 5.66
C VAL A 56 -21.48 -39.21 4.24
N LEU A 57 -22.80 -39.13 4.05
CA LEU A 57 -23.40 -38.86 2.74
C LEU A 57 -24.47 -37.80 2.93
N ASN A 58 -24.23 -36.60 2.40
CA ASN A 58 -25.14 -35.47 2.54
C ASN A 58 -25.78 -35.18 1.18
N LEU A 59 -27.05 -35.53 1.04
CA LEU A 59 -27.78 -35.28 -0.20
C LEU A 59 -29.01 -34.42 0.06
N THR A 60 -28.81 -33.15 0.40
CA THR A 60 -29.91 -32.25 0.66
C THR A 60 -30.17 -31.34 -0.54
N HIS A 61 -31.45 -31.02 -0.74
CA HIS A 61 -31.89 -30.12 -1.82
C HIS A 61 -31.47 -30.67 -3.19
N ASN A 62 -31.91 -31.90 -3.45
CA ASN A 62 -31.65 -32.57 -4.73
C ASN A 62 -32.97 -33.11 -5.28
N GLN A 63 -32.89 -33.76 -6.44
CA GLN A 63 -34.07 -34.30 -7.10
C GLN A 63 -33.99 -35.81 -7.28
N LEU A 64 -33.56 -36.53 -6.26
CA LEU A 64 -33.58 -37.98 -6.31
C LEU A 64 -35.01 -38.50 -6.25
N ARG A 65 -35.31 -39.50 -7.08
CA ARG A 65 -36.65 -40.08 -7.08
C ARG A 65 -36.76 -41.22 -6.07
N ARG A 66 -35.67 -41.98 -5.88
CA ARG A 66 -35.64 -43.08 -4.93
C ARG A 66 -34.18 -43.46 -4.70
N LEU A 67 -33.97 -44.43 -3.82
CA LEU A 67 -32.62 -44.88 -3.48
C LEU A 67 -32.42 -46.30 -3.98
N PRO A 68 -31.72 -46.51 -5.08
CA PRO A 68 -31.51 -47.86 -5.60
C PRO A 68 -30.62 -48.67 -4.66
N PRO A 69 -31.11 -49.80 -4.15
CA PRO A 69 -30.30 -50.61 -3.22
C PRO A 69 -29.23 -51.45 -3.90
N THR A 70 -28.89 -51.16 -5.15
CA THR A 70 -27.83 -51.90 -5.84
C THR A 70 -26.56 -51.09 -6.05
N ASN A 71 -26.64 -49.77 -5.97
CA ASN A 71 -25.50 -48.90 -6.25
C ASN A 71 -24.76 -48.48 -4.99
N PHE A 72 -25.25 -48.85 -3.81
CA PHE A 72 -24.56 -48.55 -2.56
C PHE A 72 -23.57 -49.64 -2.16
N THR A 73 -23.30 -50.61 -3.05
CA THR A 73 -22.38 -51.69 -2.73
C THR A 73 -20.94 -51.21 -2.68
N ARG A 74 -20.59 -50.20 -3.48
CA ARG A 74 -19.20 -49.75 -3.55
C ARG A 74 -18.75 -49.11 -2.24
N TYR A 75 -19.62 -48.34 -1.57
CA TYR A 75 -19.31 -47.73 -0.29
C TYR A 75 -20.26 -48.26 0.78
N SER A 76 -20.18 -49.57 1.03
CA SER A 76 -21.04 -50.22 2.01
C SER A 76 -20.67 -49.88 3.46
N GLN A 77 -19.65 -49.06 3.67
CA GLN A 77 -19.23 -48.67 5.02
C GLN A 77 -19.81 -47.34 5.44
N LEU A 78 -20.94 -46.93 4.86
CA LEU A 78 -21.55 -45.66 5.22
C LEU A 78 -22.08 -45.70 6.64
N ALA A 79 -21.74 -44.67 7.42
CA ALA A 79 -22.19 -44.56 8.80
C ALA A 79 -23.51 -43.80 8.94
N ILE A 80 -23.59 -42.59 8.38
CA ILE A 80 -24.79 -41.78 8.45
C ILE A 80 -25.24 -41.46 7.03
N LEU A 81 -26.55 -41.26 6.87
CA LEU A 81 -27.14 -40.96 5.57
C LEU A 81 -28.07 -39.76 5.71
N ASP A 82 -27.98 -38.83 4.77
CA ASP A 82 -28.79 -37.62 4.76
C ASP A 82 -29.42 -37.50 3.37
N ALA A 83 -30.70 -37.82 3.26
CA ALA A 83 -31.44 -37.74 2.02
C ALA A 83 -32.67 -36.84 2.17
N GLY A 84 -32.50 -35.71 2.86
CA GLY A 84 -33.60 -34.80 3.06
C GLY A 84 -33.74 -33.80 1.92
N PHE A 85 -34.92 -33.16 1.88
CA PHE A 85 -35.27 -32.18 0.86
C PHE A 85 -35.23 -32.81 -0.53
N ASN A 86 -35.98 -33.90 -0.67
CA ASN A 86 -36.06 -34.64 -1.93
C ASN A 86 -37.50 -35.09 -2.12
N SER A 87 -37.71 -36.05 -3.02
CA SER A 87 -39.03 -36.53 -3.37
C SER A 87 -39.06 -38.05 -3.48
N ILE A 88 -38.50 -38.75 -2.49
CA ILE A 88 -38.57 -40.20 -2.49
C ILE A 88 -39.99 -40.63 -2.11
N SER A 89 -40.53 -41.58 -2.86
CA SER A 89 -41.89 -42.08 -2.63
C SER A 89 -41.92 -43.39 -1.86
N LYS A 90 -40.94 -44.28 -2.08
CA LYS A 90 -40.87 -45.54 -1.36
C LYS A 90 -39.43 -45.82 -0.98
N LEU A 91 -39.26 -46.48 0.16
CA LEU A 91 -37.94 -46.85 0.69
C LEU A 91 -37.71 -48.34 0.47
N GLU A 92 -36.51 -48.69 0.00
CA GLU A 92 -36.18 -50.07 -0.29
C GLU A 92 -35.65 -50.75 0.96
N PRO A 93 -36.28 -51.84 1.43
CA PRO A 93 -35.78 -52.50 2.65
C PRO A 93 -34.35 -52.97 2.54
N GLU A 94 -33.95 -53.51 1.39
CA GLU A 94 -32.57 -53.92 1.17
C GLU A 94 -31.58 -52.79 1.45
N LEU A 95 -32.02 -51.53 1.32
CA LEU A 95 -31.16 -50.39 1.62
C LEU A 95 -30.54 -50.49 3.01
N CYS A 96 -31.22 -51.16 3.94
CA CYS A 96 -30.70 -51.26 5.29
C CYS A 96 -29.85 -52.50 5.53
N GLN A 97 -29.92 -53.52 4.67
CA GLN A 97 -29.08 -54.69 4.87
C GLN A 97 -27.80 -54.66 4.05
N ILE A 98 -27.74 -53.85 3.00
CA ILE A 98 -26.54 -53.79 2.17
C ILE A 98 -25.49 -52.88 2.78
N LEU A 99 -25.91 -51.91 3.60
CA LEU A 99 -24.99 -51.09 4.39
C LEU A 99 -25.24 -51.36 5.86
N PRO A 100 -24.54 -52.32 6.48
CA PRO A 100 -24.80 -52.66 7.89
C PRO A 100 -24.31 -51.62 8.88
N LEU A 101 -23.65 -50.55 8.42
CA LEU A 101 -23.12 -49.52 9.30
C LEU A 101 -24.02 -48.30 9.37
N LEU A 102 -25.24 -48.39 8.85
CA LEU A 102 -26.15 -47.27 8.87
C LEU A 102 -26.67 -47.02 10.29
N LYS A 103 -26.34 -45.87 10.84
CA LYS A 103 -26.76 -45.50 12.20
C LYS A 103 -27.69 -44.31 12.22
N VAL A 104 -27.49 -43.32 11.35
CA VAL A 104 -28.32 -42.12 11.28
C VAL A 104 -28.98 -42.08 9.91
N LEU A 105 -30.31 -42.20 9.90
CA LEU A 105 -31.10 -42.16 8.68
C LEU A 105 -32.04 -40.97 8.76
N ASN A 106 -32.00 -40.11 7.74
CA ASN A 106 -32.72 -38.85 7.76
C ASN A 106 -33.47 -38.68 6.43
N LEU A 107 -34.80 -38.69 6.50
CA LEU A 107 -35.68 -38.50 5.34
C LEU A 107 -36.67 -37.38 5.61
N GLN A 108 -36.17 -36.15 5.72
CA GLN A 108 -37.04 -35.01 5.96
C GLN A 108 -37.49 -34.37 4.65
N HIS A 109 -38.72 -33.85 4.66
CA HIS A 109 -39.31 -33.15 3.51
C HIS A 109 -39.31 -34.03 2.27
N ASN A 110 -39.68 -35.30 2.43
CA ASN A 110 -39.83 -36.23 1.32
C ASN A 110 -41.30 -36.56 1.14
N GLU A 111 -41.59 -37.48 0.23
CA GLU A 111 -42.95 -37.86 -0.12
C GLU A 111 -43.20 -39.35 0.11
N LEU A 112 -42.66 -39.88 1.21
CA LEU A 112 -42.90 -41.27 1.57
C LEU A 112 -44.38 -41.48 1.87
N SER A 113 -45.07 -42.23 1.02
CA SER A 113 -46.51 -42.39 1.13
C SER A 113 -46.88 -43.25 2.34
N GLN A 114 -46.79 -44.57 2.17
CA GLN A 114 -47.15 -45.51 3.22
C GLN A 114 -45.94 -46.33 3.64
N ILE A 115 -45.89 -46.68 4.92
CA ILE A 115 -44.84 -47.52 5.48
C ILE A 115 -45.37 -48.94 5.61
N SER A 116 -44.58 -49.91 5.20
CA SER A 116 -44.97 -51.31 5.23
C SER A 116 -44.35 -52.00 6.44
N ASP A 117 -44.67 -53.29 6.60
CA ASP A 117 -44.14 -54.05 7.73
C ASP A 117 -42.68 -54.46 7.48
N GLN A 118 -42.39 -54.95 6.28
CA GLN A 118 -41.06 -55.45 5.94
C GLN A 118 -40.11 -54.36 5.47
N THR A 119 -40.49 -53.09 5.58
CA THR A 119 -39.62 -52.01 5.13
C THR A 119 -38.40 -51.88 6.04
N PHE A 120 -38.63 -51.73 7.35
CA PHE A 120 -37.55 -51.63 8.33
C PHE A 120 -37.34 -52.94 9.08
N VAL A 121 -37.63 -54.08 8.46
CA VAL A 121 -37.55 -55.36 9.15
C VAL A 121 -36.13 -55.93 9.14
N PHE A 122 -35.28 -55.49 8.22
CA PHE A 122 -33.86 -55.88 8.22
C PHE A 122 -32.96 -54.81 8.83
N CYS A 123 -33.50 -53.66 9.19
CA CYS A 123 -32.68 -52.52 9.64
C CYS A 123 -32.52 -52.62 11.15
N THR A 124 -31.34 -53.04 11.59
CA THR A 124 -31.04 -53.27 13.01
C THR A 124 -30.10 -52.24 13.60
N ASN A 125 -29.03 -51.87 12.89
CA ASN A 125 -28.05 -50.91 13.38
C ASN A 125 -28.58 -49.47 13.41
N LEU A 126 -29.88 -49.26 13.25
CA LEU A 126 -30.43 -47.91 13.20
C LEU A 126 -30.41 -47.26 14.57
N THR A 127 -29.97 -46.00 14.63
CA THR A 127 -29.92 -45.25 15.87
C THR A 127 -30.75 -43.98 15.84
N GLU A 128 -30.83 -43.28 14.71
CA GLU A 128 -31.57 -42.03 14.61
C GLU A 128 -32.39 -42.04 13.33
N LEU A 129 -33.70 -41.97 13.46
CA LEU A 129 -34.63 -41.94 12.33
C LEU A 129 -35.34 -40.60 12.30
N ASP A 130 -35.18 -39.86 11.20
CA ASP A 130 -35.78 -38.55 11.02
C ASP A 130 -36.75 -38.60 9.84
N LEU A 131 -38.04 -38.59 10.14
CA LEU A 131 -39.10 -38.48 9.14
C LEU A 131 -39.88 -37.20 9.44
N MET A 132 -39.26 -36.05 9.19
CA MET A 132 -39.81 -34.77 9.60
C MET A 132 -40.98 -34.33 8.71
N SER A 133 -41.11 -34.89 7.50
CA SER A 133 -42.22 -34.55 6.62
C SER A 133 -42.38 -35.56 5.50
N ASN A 134 -43.38 -36.41 5.60
CA ASN A 134 -43.68 -37.37 4.53
C ASN A 134 -45.16 -37.52 4.23
N SER A 135 -46.04 -36.81 4.94
CA SER A 135 -47.48 -36.89 4.75
C SER A 135 -47.98 -38.34 4.93
N ILE A 136 -47.63 -38.91 6.07
CA ILE A 136 -48.05 -40.26 6.42
C ILE A 136 -49.35 -40.16 7.22
N HIS A 137 -50.39 -40.82 6.72
CA HIS A 137 -51.72 -40.73 7.35
C HIS A 137 -51.98 -41.88 8.32
N LYS A 138 -51.82 -43.11 7.87
CA LYS A 138 -52.14 -44.28 8.67
C LYS A 138 -51.00 -45.29 8.64
N ILE A 139 -50.69 -45.87 9.78
CA ILE A 139 -49.68 -46.91 9.91
C ILE A 139 -50.32 -48.07 10.67
N LYS A 140 -50.59 -49.17 9.96
CA LYS A 140 -51.27 -50.31 10.57
C LYS A 140 -50.40 -51.56 10.53
N SER A 141 -49.21 -51.48 11.12
CA SER A 141 -48.29 -52.62 11.17
C SER A 141 -47.34 -52.39 12.34
N ASN A 142 -46.32 -53.26 12.44
CA ASN A 142 -45.29 -53.17 13.47
C ASN A 142 -43.94 -52.95 12.78
N PRO A 143 -43.66 -51.71 12.34
CA PRO A 143 -42.38 -51.46 11.67
C PRO A 143 -41.23 -51.20 12.62
N PHE A 144 -41.49 -50.95 13.90
CA PHE A 144 -40.46 -50.67 14.89
C PHE A 144 -40.23 -51.88 15.80
N LYS A 145 -40.16 -53.08 15.22
CA LYS A 145 -39.99 -54.28 16.01
C LYS A 145 -38.53 -54.66 16.21
N ASN A 146 -37.68 -54.44 15.21
CA ASN A 146 -36.29 -54.89 15.24
C ASN A 146 -35.30 -53.77 15.52
N GLN A 147 -35.71 -52.51 15.42
CA GLN A 147 -34.82 -51.39 15.71
C GLN A 147 -34.73 -51.14 17.22
N LYS A 148 -34.14 -52.11 17.92
CA LYS A 148 -33.94 -52.00 19.35
C LYS A 148 -32.84 -51.02 19.72
N ASN A 149 -32.06 -50.56 18.74
CA ASN A 149 -31.02 -49.56 18.97
C ASN A 149 -31.47 -48.15 18.60
N LEU A 150 -32.75 -47.99 18.25
CA LEU A 150 -33.25 -46.67 17.88
C LEU A 150 -33.34 -45.78 19.12
N ILE A 151 -32.80 -44.57 19.01
CA ILE A 151 -32.77 -43.62 20.12
C ILE A 151 -33.71 -42.45 19.88
N LYS A 152 -33.61 -41.82 18.71
CA LYS A 152 -34.41 -40.64 18.37
C LYS A 152 -35.35 -40.99 17.22
N LEU A 153 -36.65 -40.73 17.41
CA LEU A 153 -37.66 -40.97 16.41
C LEU A 153 -38.40 -39.66 16.12
N ASP A 154 -38.65 -39.39 14.84
CA ASP A 154 -39.29 -38.16 14.41
C ASP A 154 -40.36 -38.50 13.38
N LEU A 155 -41.63 -38.28 13.75
CA LEU A 155 -42.77 -38.42 12.86
C LEU A 155 -43.59 -37.14 12.85
N SER A 156 -42.91 -35.99 12.84
CA SER A 156 -43.59 -34.71 12.92
C SER A 156 -44.09 -34.26 11.54
N HIS A 157 -44.98 -33.27 11.57
CA HIS A 157 -45.51 -32.64 10.36
C HIS A 157 -46.11 -33.67 9.40
N ASN A 158 -46.76 -34.68 9.96
CA ASN A 158 -47.41 -35.73 9.19
C ASN A 158 -48.91 -35.73 9.46
N GLY A 159 -49.60 -36.70 8.88
CA GLY A 159 -51.04 -36.80 9.04
C GLY A 159 -51.46 -37.88 10.02
N LEU A 160 -50.65 -38.10 11.05
CA LEU A 160 -50.98 -39.11 12.06
C LEU A 160 -52.18 -38.65 12.89
N SER A 161 -53.15 -39.55 13.07
CA SER A 161 -54.31 -39.29 13.89
C SER A 161 -54.30 -40.05 15.21
N SER A 162 -53.35 -40.96 15.40
CA SER A 162 -53.25 -41.72 16.63
C SER A 162 -51.78 -42.00 16.92
N THR A 163 -51.44 -42.02 18.20
CA THR A 163 -50.06 -42.26 18.64
C THR A 163 -49.70 -43.74 18.67
N LYS A 164 -50.52 -44.61 18.07
CA LYS A 164 -50.24 -46.04 18.06
C LYS A 164 -49.22 -46.36 16.99
N LEU A 165 -48.11 -46.98 17.38
CA LEU A 165 -47.04 -47.36 16.46
C LEU A 165 -46.92 -48.87 16.30
N GLY A 166 -47.76 -49.65 16.97
CA GLY A 166 -47.68 -51.09 16.85
C GLY A 166 -48.66 -51.76 17.80
N THR A 167 -48.46 -53.06 17.98
CA THR A 167 -49.31 -53.88 18.83
C THR A 167 -48.65 -54.22 20.16
N GLY A 168 -47.45 -54.81 20.12
CA GLY A 168 -46.75 -55.21 21.33
C GLY A 168 -45.73 -54.17 21.77
N VAL A 169 -45.14 -54.44 22.94
CA VAL A 169 -44.12 -53.56 23.50
C VAL A 169 -42.86 -53.64 22.65
N GLN A 170 -42.39 -52.49 22.17
CA GLN A 170 -41.21 -52.43 21.33
C GLN A 170 -40.49 -51.12 21.60
N LEU A 171 -39.43 -50.86 20.81
CA LEU A 171 -38.52 -49.73 21.02
C LEU A 171 -37.98 -49.73 22.45
N GLU A 172 -37.00 -50.61 22.66
CA GLU A 172 -36.43 -50.79 24.00
C GLU A 172 -35.60 -49.57 24.40
N ASN A 173 -34.82 -49.02 23.47
CA ASN A 173 -33.92 -47.92 23.77
C ASN A 173 -34.44 -46.58 23.25
N LEU A 174 -35.76 -46.42 23.15
CA LEU A 174 -36.33 -45.16 22.70
C LEU A 174 -36.15 -44.09 23.77
N GLN A 175 -35.63 -42.93 23.38
CA GLN A 175 -35.42 -41.83 24.30
C GLN A 175 -36.05 -40.53 23.84
N GLU A 176 -36.09 -40.27 22.52
CA GLU A 176 -36.64 -39.04 21.98
C GLU A 176 -37.68 -39.40 20.93
N LEU A 177 -38.94 -39.07 21.21
CA LEU A 177 -40.04 -39.31 20.29
C LEU A 177 -40.74 -37.99 20.00
N LEU A 178 -40.80 -37.62 18.72
CA LEU A 178 -41.37 -36.35 18.29
C LEU A 178 -42.59 -36.61 17.43
N LEU A 179 -43.72 -36.02 17.81
CA LEU A 179 -44.99 -36.18 17.09
C LEU A 179 -45.69 -34.82 16.96
N ALA A 180 -44.94 -33.79 16.60
CA ALA A 180 -45.49 -32.45 16.51
C ALA A 180 -46.13 -32.21 15.15
N LYS A 181 -47.01 -31.20 15.11
CA LYS A 181 -47.67 -30.76 13.87
C LYS A 181 -48.43 -31.90 13.20
N ASN A 182 -49.19 -32.63 14.00
CA ASN A 182 -50.03 -33.73 13.54
C ASN A 182 -51.50 -33.37 13.75
N LYS A 183 -52.38 -34.32 13.45
CA LYS A 183 -53.82 -34.15 13.64
C LYS A 183 -54.35 -35.12 14.69
N ILE A 184 -53.63 -35.24 15.81
CA ILE A 184 -54.07 -36.11 16.89
C ILE A 184 -55.20 -35.44 17.65
N LEU A 185 -56.28 -36.18 17.89
CA LEU A 185 -57.44 -35.65 18.59
C LEU A 185 -57.65 -36.27 19.96
N ALA A 186 -56.98 -37.37 20.28
CA ALA A 186 -57.17 -38.04 21.56
C ALA A 186 -55.93 -38.88 21.87
N LEU A 187 -55.70 -39.09 23.15
CA LEU A 187 -54.57 -39.89 23.64
C LEU A 187 -55.13 -41.06 24.44
N ARG A 188 -55.43 -42.16 23.76
CA ARG A 188 -55.99 -43.33 24.42
C ARG A 188 -54.89 -44.06 25.21
N SER A 189 -55.34 -44.85 26.19
CA SER A 189 -54.40 -45.61 27.02
C SER A 189 -53.87 -46.85 26.31
N GLU A 190 -54.62 -47.37 25.33
CA GLU A 190 -54.19 -48.56 24.61
C GLU A 190 -53.14 -48.26 23.56
N GLU A 191 -53.19 -47.07 22.96
CA GLU A 191 -52.26 -46.68 21.90
C GLU A 191 -50.93 -46.17 22.43
N LEU A 192 -50.63 -46.38 23.72
CA LEU A 192 -49.34 -46.06 24.29
C LEU A 192 -48.73 -47.23 25.06
N GLU A 193 -49.29 -48.44 24.93
CA GLU A 193 -48.81 -49.58 25.69
C GLU A 193 -47.50 -50.13 25.16
N PHE A 194 -47.07 -49.75 23.96
CA PHE A 194 -45.80 -50.24 23.44
C PHE A 194 -44.59 -49.65 24.16
N LEU A 195 -44.78 -48.59 24.93
CA LEU A 195 -43.74 -48.08 25.83
C LEU A 195 -43.84 -48.70 27.21
N GLY A 196 -43.69 -50.02 27.27
CA GLY A 196 -43.79 -50.72 28.55
C GLY A 196 -42.68 -50.35 29.51
N ASN A 197 -41.44 -50.48 29.08
CA ASN A 197 -40.28 -50.13 29.89
C ASN A 197 -39.21 -49.47 29.04
N SER A 198 -39.56 -48.31 28.46
CA SER A 198 -38.65 -47.53 27.64
C SER A 198 -38.44 -46.17 28.29
N SER A 199 -37.18 -45.84 28.59
CA SER A 199 -36.85 -44.59 29.27
C SER A 199 -36.95 -43.43 28.28
N LEU A 200 -38.18 -42.99 28.07
CA LEU A 200 -38.44 -41.86 27.17
C LEU A 200 -38.02 -40.56 27.84
N ARG A 201 -37.19 -39.79 27.16
CA ARG A 201 -36.64 -38.55 27.70
C ARG A 201 -37.38 -37.30 27.25
N LYS A 202 -37.67 -37.19 25.95
CA LYS A 202 -38.32 -36.01 25.40
C LYS A 202 -39.48 -36.44 24.52
N LEU A 203 -40.67 -35.89 24.79
CA LEU A 203 -41.88 -36.19 24.04
C LEU A 203 -42.49 -34.87 23.58
N ASP A 204 -42.83 -34.79 22.30
CA ASP A 204 -43.30 -33.55 21.69
C ASP A 204 -44.66 -33.77 21.07
N LEU A 205 -45.68 -33.10 21.62
CA LEU A 205 -47.02 -33.06 21.05
C LEU A 205 -47.47 -31.63 20.75
N SER A 206 -46.55 -30.78 20.27
CA SER A 206 -46.90 -29.40 19.99
C SER A 206 -47.71 -29.30 18.70
N SER A 207 -48.48 -28.21 18.58
CA SER A 207 -49.24 -27.88 17.39
C SER A 207 -50.30 -28.95 17.06
N ASN A 208 -50.88 -29.56 18.08
CA ASN A 208 -51.96 -30.51 17.87
C ASN A 208 -53.15 -30.16 18.74
N PRO A 209 -54.35 -30.03 18.17
CA PRO A 209 -55.56 -29.67 18.95
C PRO A 209 -56.18 -30.87 19.68
N LEU A 210 -55.56 -31.23 20.80
CA LEU A 210 -56.10 -32.31 21.63
C LEU A 210 -57.36 -31.84 22.36
N LYS A 211 -58.38 -32.69 22.37
CA LYS A 211 -59.66 -32.33 22.97
C LYS A 211 -59.91 -33.02 24.30
N GLU A 212 -59.35 -34.21 24.49
CA GLU A 212 -59.57 -34.96 25.73
C GLU A 212 -58.38 -35.88 25.98
N PHE A 213 -58.18 -36.20 27.26
CA PHE A 213 -57.11 -37.09 27.69
C PHE A 213 -57.73 -38.31 28.35
N SER A 214 -57.45 -39.49 27.81
CA SER A 214 -58.01 -40.71 28.35
C SER A 214 -57.33 -41.06 29.68
N PRO A 215 -58.08 -41.59 30.65
CA PRO A 215 -57.46 -41.92 31.94
C PRO A 215 -56.52 -43.12 31.81
N GLY A 216 -55.36 -42.99 32.46
CA GLY A 216 -54.37 -44.06 32.44
C GLY A 216 -53.50 -44.10 31.21
N CYS A 217 -53.51 -43.06 30.37
CA CYS A 217 -52.71 -43.08 29.15
C CYS A 217 -51.23 -42.89 29.46
N PHE A 218 -50.90 -41.88 30.27
CA PHE A 218 -49.50 -41.62 30.61
C PHE A 218 -48.95 -42.68 31.55
N GLN A 219 -49.83 -43.38 32.29
CA GLN A 219 -49.36 -44.42 33.21
C GLN A 219 -48.83 -45.63 32.45
N THR A 220 -49.26 -45.81 31.20
CA THR A 220 -48.77 -46.92 30.40
C THR A 220 -47.30 -46.75 30.05
N ILE A 221 -46.86 -45.50 29.89
CA ILE A 221 -45.45 -45.25 29.59
C ILE A 221 -44.59 -45.62 30.79
N GLY A 222 -43.45 -46.27 30.52
CA GLY A 222 -42.58 -46.67 31.61
C GLY A 222 -41.95 -45.49 32.33
N LYS A 223 -41.36 -44.57 31.57
CA LYS A 223 -40.71 -43.40 32.14
C LYS A 223 -40.88 -42.21 31.22
N LEU A 224 -41.35 -41.10 31.77
CA LEU A 224 -41.55 -39.86 31.03
C LEU A 224 -40.78 -38.75 31.72
N PHE A 225 -39.85 -38.13 31.00
CA PHE A 225 -38.99 -37.09 31.56
C PHE A 225 -39.39 -35.68 31.13
N ALA A 226 -39.62 -35.46 29.84
CA ALA A 226 -40.00 -34.15 29.33
C ALA A 226 -41.23 -34.28 28.44
N LEU A 227 -42.03 -33.21 28.40
CA LEU A 227 -43.28 -33.22 27.66
C LEU A 227 -43.56 -31.80 27.18
N LEU A 228 -43.85 -31.67 25.88
CA LEU A 228 -44.03 -30.37 25.23
C LEU A 228 -45.38 -30.33 24.53
N LEU A 229 -46.19 -29.32 24.85
CA LEU A 229 -47.45 -29.07 24.17
C LEU A 229 -47.59 -27.62 23.71
N ASN A 230 -46.58 -27.08 23.06
CA ASN A 230 -46.63 -25.70 22.60
C ASN A 230 -47.71 -25.53 21.52
N ASN A 231 -48.54 -24.51 21.68
CA ASN A 231 -49.62 -24.22 20.75
C ASN A 231 -50.57 -25.40 20.60
N ALA A 232 -51.08 -25.90 21.72
CA ALA A 232 -51.96 -27.06 21.74
C ALA A 232 -53.42 -26.68 21.93
N GLN A 233 -53.73 -25.39 22.09
CA GLN A 233 -55.11 -24.91 22.21
C GLN A 233 -55.83 -25.53 23.40
N LEU A 234 -55.16 -25.57 24.54
CA LEU A 234 -55.79 -26.08 25.76
C LEU A 234 -56.60 -24.99 26.46
N ASN A 235 -57.45 -25.42 27.38
CA ASN A 235 -58.30 -24.57 28.20
C ASN A 235 -57.97 -24.84 29.66
N PRO A 236 -58.49 -24.02 30.58
CA PRO A 236 -58.30 -24.33 32.02
C PRO A 236 -58.77 -25.72 32.39
N HIS A 237 -59.98 -26.11 31.97
CA HIS A 237 -60.46 -27.46 32.27
C HIS A 237 -59.59 -28.52 31.62
N LEU A 238 -59.11 -28.26 30.40
CA LEU A 238 -58.25 -29.21 29.71
C LEU A 238 -56.95 -29.43 30.46
N THR A 239 -56.28 -28.36 30.87
CA THR A 239 -55.02 -28.51 31.58
C THR A 239 -55.25 -29.04 33.00
N GLU A 240 -56.44 -28.81 33.56
CA GLU A 240 -56.77 -29.42 34.84
C GLU A 240 -56.86 -30.94 34.72
N LYS A 241 -57.61 -31.42 33.71
CA LYS A 241 -57.70 -32.86 33.48
C LYS A 241 -56.34 -33.45 33.12
N LEU A 242 -55.51 -32.69 32.40
CA LEU A 242 -54.17 -33.15 32.08
C LEU A 242 -53.32 -33.29 33.35
N CYS A 243 -53.40 -32.29 34.23
CA CYS A 243 -52.64 -32.32 35.48
C CYS A 243 -53.07 -33.50 36.34
N TRP A 244 -54.38 -33.78 36.38
CA TRP A 244 -54.84 -34.96 37.11
C TRP A 244 -54.36 -36.24 36.46
N GLU A 245 -54.30 -36.26 35.12
CA GLU A 245 -53.77 -37.43 34.42
C GLU A 245 -52.27 -37.56 34.63
N LEU A 246 -51.56 -36.44 34.70
CA LEU A 246 -50.11 -36.46 34.87
C LEU A 246 -49.69 -36.73 36.31
N SER A 247 -50.52 -37.37 37.12
CA SER A 247 -50.15 -37.71 38.48
C SER A 247 -49.39 -39.02 38.53
N ASN A 248 -48.53 -39.15 39.53
CA ASN A 248 -47.77 -40.38 39.79
C ASN A 248 -46.88 -40.76 38.62
N THR A 249 -46.12 -39.79 38.13
CA THR A 249 -45.13 -40.00 37.07
C THR A 249 -43.87 -39.21 37.38
N SER A 250 -42.84 -39.45 36.58
CA SER A 250 -41.54 -38.81 36.77
C SER A 250 -41.30 -37.65 35.82
N ILE A 251 -42.35 -36.92 35.44
CA ILE A 251 -42.17 -35.80 34.52
C ILE A 251 -41.40 -34.69 35.22
N GLN A 252 -40.47 -34.07 34.50
CA GLN A 252 -39.63 -33.00 35.03
C GLN A 252 -39.85 -31.67 34.32
N ASN A 253 -39.79 -31.66 32.99
CA ASN A 253 -39.93 -30.44 32.21
C ASN A 253 -41.30 -30.43 31.54
N LEU A 254 -42.03 -29.31 31.71
CA LEU A 254 -43.37 -29.15 31.15
C LEU A 254 -43.44 -27.79 30.48
N SER A 255 -44.02 -27.75 29.27
CA SER A 255 -44.14 -26.53 28.49
C SER A 255 -45.55 -26.41 27.95
N LEU A 256 -46.21 -25.29 28.25
CA LEU A 256 -47.55 -24.97 27.76
C LEU A 256 -47.53 -23.65 27.01
N ALA A 257 -46.55 -23.47 26.14
CA ALA A 257 -46.36 -22.19 25.47
C ALA A 257 -47.37 -22.01 24.34
N ASN A 258 -47.65 -20.74 24.01
CA ASN A 258 -48.56 -20.38 22.92
C ASN A 258 -49.93 -21.02 23.08
N ASN A 259 -50.39 -21.10 24.32
CA ASN A 259 -51.64 -21.77 24.63
C ASN A 259 -52.75 -20.73 24.90
N GLN A 260 -53.97 -21.22 25.08
CA GLN A 260 -55.13 -20.39 25.38
C GLN A 260 -55.48 -20.39 26.86
N LEU A 261 -54.48 -20.52 27.73
CA LEU A 261 -54.71 -20.52 29.17
C LEU A 261 -55.01 -19.10 29.61
N LEU A 262 -56.30 -18.80 29.77
CA LEU A 262 -56.72 -17.44 30.08
C LEU A 262 -56.44 -17.10 31.55
N ALA A 263 -56.78 -18.01 32.46
CA ALA A 263 -56.59 -17.77 33.88
C ALA A 263 -56.29 -19.09 34.58
N THR A 264 -55.51 -19.00 35.66
CA THR A 264 -55.14 -20.14 36.47
C THR A 264 -55.89 -20.11 37.79
N SER A 265 -56.17 -21.29 38.33
CA SER A 265 -56.84 -21.44 39.62
C SER A 265 -56.06 -22.43 40.47
N GLU A 266 -56.45 -22.51 41.75
CA GLU A 266 -55.80 -23.45 42.66
C GLU A 266 -56.06 -24.90 42.24
N SER A 267 -57.29 -25.20 41.86
CA SER A 267 -57.62 -26.57 41.47
C SER A 267 -57.06 -26.91 40.09
N THR A 268 -56.65 -25.89 39.33
CA THR A 268 -56.15 -26.11 37.98
C THR A 268 -54.89 -26.96 37.99
N PHE A 269 -53.92 -26.59 38.82
CA PHE A 269 -52.66 -27.33 38.94
C PHE A 269 -52.66 -28.28 40.14
N SER A 270 -53.83 -28.83 40.50
CA SER A 270 -53.90 -29.68 41.68
C SER A 270 -53.30 -31.05 41.44
N GLY A 271 -53.28 -31.50 40.20
CA GLY A 271 -52.78 -32.84 39.91
C GLY A 271 -51.26 -32.94 39.98
N LEU A 272 -50.57 -31.82 39.81
CA LEU A 272 -49.12 -31.85 39.68
C LEU A 272 -48.39 -31.91 41.02
N LYS A 273 -49.12 -32.08 42.14
CA LYS A 273 -48.46 -32.05 43.44
C LYS A 273 -47.67 -33.32 43.69
N TRP A 274 -48.14 -34.47 43.18
CA TRP A 274 -47.48 -35.73 43.47
C TRP A 274 -46.16 -35.86 42.72
N THR A 275 -46.15 -35.51 41.43
CA THR A 275 -44.94 -35.65 40.63
C THR A 275 -43.91 -34.59 41.01
N ASN A 276 -42.65 -34.89 40.68
CA ASN A 276 -41.54 -33.98 40.99
C ASN A 276 -41.23 -33.12 39.76
N LEU A 277 -42.02 -32.07 39.59
CA LEU A 277 -41.85 -31.16 38.47
C LEU A 277 -40.62 -30.29 38.68
N THR A 278 -39.88 -30.04 37.61
CA THR A 278 -38.66 -29.25 37.65
C THR A 278 -38.80 -27.91 36.92
N GLN A 279 -39.21 -27.93 35.65
CA GLN A 279 -39.33 -26.72 34.85
C GLN A 279 -40.73 -26.61 34.28
N LEU A 280 -41.35 -25.44 34.46
CA LEU A 280 -42.68 -25.17 33.98
C LEU A 280 -42.64 -23.90 33.12
N ASP A 281 -43.34 -23.93 31.98
CA ASP A 281 -43.33 -22.83 31.03
C ASP A 281 -44.75 -22.38 30.74
N LEU A 282 -45.02 -21.09 30.98
CA LEU A 282 -46.29 -20.45 30.62
C LEU A 282 -45.97 -19.18 29.83
N SER A 283 -45.87 -19.33 28.51
CA SER A 283 -45.54 -18.23 27.63
C SER A 283 -46.58 -18.12 26.51
N TYR A 284 -46.93 -16.89 26.16
CA TYR A 284 -47.94 -16.60 25.13
C TYR A 284 -49.29 -17.22 25.48
N ASN A 285 -49.72 -17.08 26.74
CA ASN A 285 -51.03 -17.57 27.15
C ASN A 285 -52.05 -16.46 27.30
N ASN A 286 -51.64 -15.20 27.26
CA ASN A 286 -52.54 -14.05 27.48
C ASN A 286 -53.26 -14.20 28.82
N LEU A 287 -52.49 -14.46 29.86
CA LEU A 287 -53.05 -14.70 31.19
C LEU A 287 -53.61 -13.40 31.76
N HIS A 288 -54.93 -13.35 31.96
CA HIS A 288 -55.56 -12.16 32.49
C HIS A 288 -55.17 -11.93 33.95
N ASP A 289 -55.09 -13.00 34.74
CA ASP A 289 -54.73 -12.89 36.15
C ASP A 289 -54.26 -14.25 36.63
N VAL A 290 -53.64 -14.25 37.81
CA VAL A 290 -53.13 -15.46 38.45
C VAL A 290 -53.92 -15.69 39.73
N GLY A 291 -54.52 -16.87 39.86
CA GLY A 291 -55.31 -17.16 41.04
C GLY A 291 -54.45 -17.31 42.28
N ASN A 292 -55.06 -17.02 43.44
CA ASN A 292 -54.34 -17.11 44.70
C ASN A 292 -54.03 -18.56 45.03
N GLY A 293 -52.77 -18.83 45.34
CA GLY A 293 -52.36 -20.18 45.71
C GLY A 293 -52.41 -21.18 44.58
N SER A 294 -52.49 -20.73 43.33
CA SER A 294 -52.55 -21.66 42.21
C SER A 294 -51.22 -22.39 42.03
N PHE A 295 -50.12 -21.80 42.50
CA PHE A 295 -48.80 -22.42 42.45
C PHE A 295 -48.39 -23.03 43.78
N SER A 296 -49.33 -23.25 44.69
CA SER A 296 -48.97 -23.75 46.02
C SER A 296 -48.72 -25.25 46.01
N TYR A 297 -49.46 -25.98 45.16
CA TYR A 297 -49.38 -27.44 45.21
C TYR A 297 -48.05 -27.95 44.68
N LEU A 298 -47.29 -27.11 43.98
CA LEU A 298 -46.02 -27.51 43.42
C LEU A 298 -44.89 -27.10 44.35
N PRO A 299 -44.20 -28.03 45.00
CA PRO A 299 -43.09 -27.67 45.90
C PRO A 299 -41.70 -27.80 45.30
N SER A 300 -41.53 -28.52 44.18
CA SER A 300 -40.22 -28.77 43.60
C SER A 300 -39.95 -27.93 42.36
N LEU A 301 -40.78 -26.94 42.06
CA LEU A 301 -40.56 -26.10 40.89
C LEU A 301 -39.28 -25.31 41.03
N ARG A 302 -38.43 -25.37 40.00
CA ARG A 302 -37.14 -24.69 39.99
C ARG A 302 -37.04 -23.63 38.90
N TYR A 303 -37.54 -23.92 37.71
CA TYR A 303 -37.50 -22.98 36.59
C TYR A 303 -38.92 -22.61 36.20
N LEU A 304 -39.23 -21.31 36.22
CA LEU A 304 -40.56 -20.81 35.94
C LEU A 304 -40.47 -19.74 34.87
N SER A 305 -41.34 -19.81 33.88
CA SER A 305 -41.34 -18.89 32.75
C SER A 305 -42.73 -18.31 32.53
N LEU A 306 -42.86 -16.99 32.73
CA LEU A 306 -44.09 -16.26 32.46
C LEU A 306 -43.88 -15.16 31.42
N GLU A 307 -43.16 -15.46 30.34
CA GLU A 307 -42.87 -14.45 29.34
C GLU A 307 -44.08 -14.19 28.44
N TYR A 308 -44.30 -12.93 28.12
CA TYR A 308 -45.29 -12.52 27.11
C TYR A 308 -46.72 -12.88 27.54
N ASN A 309 -47.11 -12.42 28.72
CA ASN A 309 -48.49 -12.54 29.17
C ASN A 309 -49.09 -11.15 29.40
N ASN A 310 -50.36 -11.12 29.80
CA ASN A 310 -51.09 -9.89 30.04
C ASN A 310 -51.59 -9.81 31.48
N ILE A 311 -50.73 -10.14 32.44
CA ILE A 311 -51.15 -10.15 33.84
C ILE A 311 -51.51 -8.75 34.28
N GLN A 312 -52.65 -8.61 34.94
CA GLN A 312 -53.15 -7.31 35.39
C GLN A 312 -52.92 -7.05 36.86
N ARG A 313 -52.86 -8.10 37.69
CA ARG A 313 -52.75 -7.92 39.13
C ARG A 313 -51.88 -9.03 39.70
N LEU A 314 -51.10 -8.67 40.72
CA LEU A 314 -50.27 -9.61 41.45
C LEU A 314 -50.64 -9.55 42.93
N SER A 315 -50.53 -10.68 43.60
CA SER A 315 -50.92 -10.82 44.99
C SER A 315 -49.87 -11.65 45.72
N PRO A 316 -49.68 -11.39 47.02
CA PRO A 316 -48.73 -12.22 47.79
C PRO A 316 -49.12 -13.69 47.84
N ARG A 317 -50.43 -13.99 47.85
CA ARG A 317 -50.87 -15.38 47.89
C ARG A 317 -50.73 -16.06 46.54
N SER A 318 -50.51 -15.29 45.47
CA SER A 318 -50.39 -15.88 44.14
C SER A 318 -49.12 -16.71 44.02
N PHE A 319 -48.01 -16.23 44.58
CA PHE A 319 -46.73 -16.91 44.50
C PHE A 319 -46.45 -17.79 45.70
N TYR A 320 -47.47 -18.09 46.51
CA TYR A 320 -47.27 -18.96 47.67
C TYR A 320 -47.01 -20.39 47.22
N GLY A 321 -46.14 -21.08 47.96
CA GLY A 321 -45.80 -22.46 47.67
C GLY A 321 -44.57 -22.66 46.82
N LEU A 322 -43.96 -21.59 46.33
CA LEU A 322 -42.77 -21.69 45.49
C LEU A 322 -41.50 -21.53 46.33
N SER A 323 -41.19 -22.58 47.09
CA SER A 323 -40.04 -22.54 47.99
C SER A 323 -38.74 -22.79 47.22
N ASN A 324 -38.70 -23.84 46.41
CA ASN A 324 -37.49 -24.22 45.69
C ASN A 324 -37.34 -23.49 44.37
N LEU A 325 -38.07 -22.40 44.15
CA LEU A 325 -37.97 -21.69 42.89
C LEU A 325 -36.66 -20.93 42.80
N ARG A 326 -35.92 -21.14 41.70
CA ARG A 326 -34.63 -20.51 41.49
C ARG A 326 -34.54 -19.70 40.20
N TYR A 327 -35.44 -19.94 39.25
CA TYR A 327 -35.42 -19.26 37.96
C TYR A 327 -36.83 -18.75 37.66
N LEU A 328 -36.95 -17.44 37.48
CA LEU A 328 -38.25 -16.82 37.23
C LEU A 328 -38.06 -15.64 36.29
N SER A 329 -38.91 -15.54 35.27
CA SER A 329 -38.83 -14.49 34.27
C SER A 329 -40.21 -13.90 34.03
N LEU A 330 -40.31 -12.58 34.14
CA LEU A 330 -41.56 -11.86 33.88
C LEU A 330 -41.45 -10.93 32.69
N LYS A 331 -40.69 -11.32 31.66
CA LYS A 331 -40.51 -10.46 30.49
C LYS A 331 -41.81 -10.31 29.73
N ARG A 332 -42.26 -9.06 29.60
CA ARG A 332 -43.51 -8.73 28.89
C ARG A 332 -44.71 -9.44 29.50
N ALA A 333 -44.65 -9.71 30.81
CA ALA A 333 -45.69 -10.48 31.49
C ALA A 333 -46.89 -9.63 31.92
N PHE A 334 -46.79 -8.32 31.83
CA PHE A 334 -47.84 -7.44 32.35
C PHE A 334 -48.70 -6.88 31.22
N THR A 335 -49.62 -6.00 31.60
CA THR A 335 -50.55 -5.41 30.65
C THR A 335 -49.80 -4.53 29.64
N LYS A 336 -50.26 -4.57 28.39
CA LYS A 336 -49.65 -3.79 27.32
C LYS A 336 -49.91 -2.30 27.54
N GLN A 337 -49.50 -1.50 26.55
CA GLN A 337 -49.64 -0.05 26.66
C GLN A 337 -51.11 0.37 26.58
N SER A 338 -51.83 -0.13 25.58
CA SER A 338 -53.25 0.20 25.37
C SER A 338 -53.43 1.71 25.21
N VAL A 339 -53.28 2.14 23.95
CA VAL A 339 -53.38 3.57 23.64
C VAL A 339 -54.84 4.03 23.74
N SER A 340 -55.78 3.12 23.47
CA SER A 340 -57.19 3.49 23.50
C SER A 340 -57.65 3.82 24.91
N LEU A 341 -57.32 2.96 25.88
CA LEU A 341 -57.69 3.16 27.27
C LEU A 341 -56.44 3.03 28.13
N ALA A 342 -56.15 4.07 28.92
CA ALA A 342 -54.97 4.05 29.77
C ALA A 342 -55.16 3.10 30.94
N SER A 343 -54.28 2.11 31.04
CA SER A 343 -54.33 1.13 32.12
C SER A 343 -52.91 0.79 32.54
N HIS A 344 -52.69 0.78 33.85
CA HIS A 344 -51.38 0.48 34.42
C HIS A 344 -51.49 -0.72 35.35
N PRO A 345 -50.78 -1.82 35.08
CA PRO A 345 -50.83 -2.96 36.00
C PRO A 345 -50.10 -2.66 37.30
N ASN A 346 -50.76 -2.96 38.41
CA ASN A 346 -50.23 -2.68 39.74
C ASN A 346 -49.86 -3.98 40.43
N ILE A 347 -48.72 -3.96 41.13
CA ILE A 347 -48.24 -5.12 41.87
C ILE A 347 -48.24 -4.77 43.35
N ASP A 348 -48.83 -5.66 44.16
CA ASP A 348 -48.93 -5.40 45.60
C ASP A 348 -47.60 -5.69 46.29
N ASP A 349 -47.50 -5.22 47.53
CA ASP A 349 -46.29 -5.44 48.32
C ASP A 349 -46.20 -6.88 48.76
N PHE A 350 -44.98 -7.30 49.10
CA PHE A 350 -44.69 -8.67 49.53
C PHE A 350 -45.13 -9.70 48.50
N SER A 351 -44.91 -9.41 47.22
CA SER A 351 -45.38 -10.30 46.17
C SER A 351 -44.49 -11.54 46.05
N PHE A 352 -43.18 -11.38 46.28
CA PHE A 352 -42.23 -12.47 46.15
C PHE A 352 -41.60 -12.87 47.48
N GLN A 353 -42.34 -12.73 48.58
CA GLN A 353 -41.77 -13.04 49.89
C GLN A 353 -41.54 -14.53 50.07
N TRP A 354 -42.40 -15.36 49.47
CA TRP A 354 -42.25 -16.80 49.62
C TRP A 354 -41.03 -17.31 48.88
N LEU A 355 -40.60 -16.60 47.84
CA LEU A 355 -39.46 -17.01 47.01
C LEU A 355 -38.16 -16.65 47.73
N LYS A 356 -37.80 -17.51 48.69
CA LYS A 356 -36.57 -17.29 49.44
C LYS A 356 -35.35 -17.82 48.69
N TYR A 357 -35.54 -18.83 47.85
CA TYR A 357 -34.46 -19.45 47.11
C TYR A 357 -34.30 -18.89 45.70
N LEU A 358 -34.98 -17.79 45.38
CA LEU A 358 -34.89 -17.22 44.04
C LEU A 358 -33.51 -16.61 43.82
N GLU A 359 -32.95 -16.85 42.63
CA GLU A 359 -31.64 -16.34 42.26
C GLU A 359 -31.69 -15.38 41.08
N TYR A 360 -32.42 -15.74 40.02
CA TYR A 360 -32.52 -14.93 38.82
C TYR A 360 -33.95 -14.44 38.69
N LEU A 361 -34.13 -13.11 38.65
CA LEU A 361 -35.43 -12.49 38.49
C LEU A 361 -35.35 -11.49 37.34
N ASN A 362 -36.29 -11.60 36.40
CA ASN A 362 -36.29 -10.79 35.20
C ASN A 362 -37.69 -10.27 34.94
N MET A 363 -37.81 -8.94 34.78
CA MET A 363 -39.04 -8.28 34.34
C MET A 363 -38.73 -7.24 33.28
N ASP A 364 -38.15 -7.67 32.16
CA ASP A 364 -37.76 -6.74 31.12
C ASP A 364 -38.96 -6.35 30.26
N ASP A 365 -38.97 -5.09 29.82
CA ASP A 365 -40.02 -4.56 28.96
C ASP A 365 -41.40 -4.69 29.62
N ASN A 366 -41.58 -4.00 30.74
CA ASN A 366 -42.86 -3.98 31.45
C ASN A 366 -43.44 -2.58 31.48
N ASN A 367 -44.62 -2.46 32.09
CA ASN A 367 -45.31 -1.19 32.22
C ASN A 367 -45.63 -0.84 33.67
N ILE A 368 -44.78 -1.26 34.61
CA ILE A 368 -45.01 -0.93 36.02
C ILE A 368 -44.79 0.56 36.23
N PRO A 369 -45.69 1.26 36.94
CA PRO A 369 -45.49 2.71 37.12
C PRO A 369 -44.25 3.05 37.94
N SER A 370 -44.07 2.44 39.10
CA SER A 370 -42.94 2.74 39.95
C SER A 370 -42.70 1.57 40.91
N THR A 371 -41.67 1.71 41.75
CA THR A 371 -41.32 0.71 42.73
C THR A 371 -41.88 1.14 44.09
N LYS A 372 -42.62 0.24 44.73
CA LYS A 372 -43.19 0.52 46.03
C LYS A 372 -42.15 0.31 47.12
N SER A 373 -42.57 0.50 48.37
CA SER A 373 -41.64 0.42 49.50
C SER A 373 -41.17 -1.01 49.74
N ASN A 374 -42.10 -1.96 49.76
CA ASN A 374 -41.77 -3.35 50.07
C ASN A 374 -42.13 -4.30 48.93
N THR A 375 -41.76 -3.96 47.69
CA THR A 375 -42.06 -4.84 46.57
C THR A 375 -41.13 -6.05 46.55
N PHE A 376 -39.84 -5.85 46.78
CA PHE A 376 -38.85 -6.91 46.69
C PHE A 376 -38.48 -7.49 48.05
N THR A 377 -39.32 -7.30 49.06
CA THR A 377 -39.01 -7.83 50.39
C THR A 377 -39.25 -9.33 50.43
N GLY A 378 -38.37 -10.04 51.15
CA GLY A 378 -38.48 -11.47 51.29
C GLY A 378 -37.51 -12.27 50.46
N LEU A 379 -36.76 -11.63 49.55
CA LEU A 379 -35.83 -12.34 48.66
C LEU A 379 -34.46 -12.36 49.33
N VAL A 380 -34.24 -13.41 50.12
CA VAL A 380 -33.02 -13.50 50.92
C VAL A 380 -31.83 -13.86 50.05
N SER A 381 -32.07 -14.53 48.92
CA SER A 381 -30.99 -15.05 48.09
C SER A 381 -31.02 -14.51 46.66
N LEU A 382 -31.64 -13.36 46.43
CA LEU A 382 -31.65 -12.77 45.09
C LEU A 382 -30.25 -12.32 44.70
N LYS A 383 -29.79 -12.76 43.53
CA LYS A 383 -28.47 -12.42 43.02
C LYS A 383 -28.51 -11.64 41.73
N TYR A 384 -29.30 -12.08 40.76
CA TYR A 384 -29.37 -11.44 39.44
C TYR A 384 -30.76 -10.84 39.26
N LEU A 385 -30.80 -9.56 38.85
CA LEU A 385 -32.05 -8.85 38.63
C LEU A 385 -31.90 -7.95 37.41
N SER A 386 -32.82 -8.08 36.46
CA SER A 386 -32.83 -7.29 35.24
C SER A 386 -34.11 -6.46 35.21
N LEU A 387 -33.96 -5.14 35.16
CA LEU A 387 -35.10 -4.23 35.19
C LEU A 387 -35.10 -3.27 34.00
N SER A 388 -34.66 -3.72 32.83
CA SER A 388 -34.62 -2.85 31.67
C SER A 388 -36.03 -2.64 31.10
N LYS A 389 -36.38 -1.37 30.88
CA LYS A 389 -37.68 -0.96 30.34
C LYS A 389 -38.85 -1.44 31.19
N THR A 390 -38.65 -1.60 32.50
CA THR A 390 -39.73 -2.07 33.36
C THR A 390 -40.62 -0.93 33.81
N PHE A 391 -40.04 0.22 34.13
CA PHE A 391 -40.77 1.36 34.68
C PHE A 391 -40.91 2.43 33.61
N THR A 392 -42.14 2.89 33.39
CA THR A 392 -42.38 3.93 32.39
C THR A 392 -42.37 5.31 33.01
N SER A 393 -42.55 5.40 34.33
CA SER A 393 -42.62 6.68 35.03
C SER A 393 -41.72 6.70 36.27
N LEU A 394 -40.57 6.04 36.21
CA LEU A 394 -39.63 6.09 37.33
C LEU A 394 -38.97 7.46 37.41
N GLN A 395 -38.35 7.90 36.31
CA GLN A 395 -37.81 9.24 36.16
C GLN A 395 -36.70 9.54 37.16
N THR A 396 -37.04 9.68 38.44
CA THR A 396 -36.09 10.08 39.47
C THR A 396 -36.00 8.98 40.52
N LEU A 397 -34.78 8.53 40.80
CA LEU A 397 -34.58 7.56 41.87
C LEU A 397 -34.47 8.26 43.22
N THR A 398 -34.76 7.53 44.28
CA THR A 398 -34.70 8.04 45.64
C THR A 398 -34.02 6.99 46.53
N ASN A 399 -33.55 7.44 47.69
CA ASN A 399 -32.91 6.53 48.64
C ASN A 399 -33.88 5.47 49.13
N GLU A 400 -35.17 5.81 49.20
CA GLU A 400 -36.19 4.87 49.65
C GLU A 400 -36.72 4.00 48.51
N THR A 401 -36.17 4.11 47.31
CA THR A 401 -36.65 3.28 46.20
C THR A 401 -36.12 1.86 46.28
N PHE A 402 -34.83 1.71 46.59
CA PHE A 402 -34.19 0.40 46.66
C PHE A 402 -34.09 -0.15 48.08
N VAL A 403 -35.03 0.24 48.95
CA VAL A 403 -34.98 -0.24 50.33
C VAL A 403 -35.40 -1.70 50.42
N SER A 404 -36.24 -2.16 49.50
CA SER A 404 -36.72 -3.54 49.53
C SER A 404 -35.58 -4.53 49.29
N LEU A 405 -34.62 -4.15 48.44
CA LEU A 405 -33.53 -5.03 48.06
C LEU A 405 -32.33 -4.93 49.01
N ALA A 406 -32.54 -4.46 50.24
CA ALA A 406 -31.42 -4.28 51.16
C ALA A 406 -30.87 -5.62 51.64
N HIS A 407 -31.75 -6.55 52.00
CA HIS A 407 -31.34 -7.84 52.53
C HIS A 407 -30.95 -8.85 51.45
N SER A 408 -30.97 -8.45 50.18
CA SER A 408 -30.64 -9.37 49.10
C SER A 408 -29.24 -9.09 48.57
N PRO A 409 -28.38 -10.11 48.50
CA PRO A 409 -27.03 -9.91 47.93
C PRO A 409 -27.03 -9.91 46.41
N LEU A 410 -27.47 -8.79 45.84
CA LEU A 410 -27.53 -8.66 44.40
C LEU A 410 -26.13 -8.61 43.79
N LEU A 411 -25.96 -9.23 42.63
CA LEU A 411 -24.69 -9.24 41.92
C LEU A 411 -24.74 -8.55 40.56
N THR A 412 -25.92 -8.46 39.94
CA THR A 412 -26.07 -7.82 38.65
C THR A 412 -27.41 -7.10 38.62
N LEU A 413 -27.40 -5.83 38.22
CA LEU A 413 -28.61 -5.03 38.18
C LEU A 413 -28.63 -4.22 36.90
N ASN A 414 -29.76 -4.22 36.21
CA ASN A 414 -29.91 -3.59 34.91
C ASN A 414 -31.00 -2.54 34.96
N LEU A 415 -30.71 -1.32 34.47
CA LEU A 415 -31.67 -0.22 34.45
C LEU A 415 -31.68 0.52 33.12
N THR A 416 -31.34 -0.14 32.03
CA THR A 416 -31.36 0.53 30.73
C THR A 416 -32.77 0.70 30.22
N LYS A 417 -32.95 1.68 29.32
CA LYS A 417 -34.25 1.99 28.71
C LYS A 417 -35.31 2.29 29.75
N ASN A 418 -34.90 2.94 30.83
CA ASN A 418 -35.81 3.28 31.92
C ASN A 418 -36.16 4.76 31.98
N HIS A 419 -35.64 5.57 31.06
CA HIS A 419 -35.93 7.00 31.00
C HIS A 419 -35.56 7.69 32.32
N ILE A 420 -34.44 7.29 32.90
CA ILE A 420 -33.98 7.88 34.16
C ILE A 420 -33.48 9.30 33.90
N SER A 421 -33.84 10.21 34.80
CA SER A 421 -33.46 11.61 34.68
C SER A 421 -32.65 12.15 35.84
N LYS A 422 -32.93 11.71 37.07
CA LYS A 422 -32.21 12.22 38.23
C LYS A 422 -31.87 11.06 39.16
N ILE A 423 -30.83 11.26 39.96
CA ILE A 423 -30.37 10.29 40.95
C ILE A 423 -30.14 11.01 42.27
N ALA A 424 -30.81 10.55 43.32
CA ALA A 424 -30.71 11.20 44.62
C ALA A 424 -29.49 10.69 45.39
N ASN A 425 -29.19 11.37 46.50
CA ASN A 425 -28.07 10.97 47.34
C ASN A 425 -28.39 9.68 48.07
N GLY A 426 -27.42 8.76 48.08
CA GLY A 426 -27.57 7.51 48.80
C GLY A 426 -28.65 6.60 48.27
N THR A 427 -28.88 6.61 46.95
CA THR A 427 -29.90 5.76 46.37
C THR A 427 -29.47 4.30 46.37
N PHE A 428 -28.20 4.03 46.08
CA PHE A 428 -27.67 2.68 46.00
C PHE A 428 -26.97 2.25 47.28
N SER A 429 -27.32 2.83 48.43
CA SER A 429 -26.64 2.51 49.68
C SER A 429 -27.04 1.13 50.19
N TRP A 430 -28.29 0.73 49.94
CA TRP A 430 -28.77 -0.55 50.45
C TRP A 430 -28.08 -1.72 49.75
N LEU A 431 -27.63 -1.50 48.51
CA LEU A 431 -27.04 -2.57 47.69
C LEU A 431 -25.53 -2.57 47.90
N GLY A 432 -25.10 -3.26 48.96
CA GLY A 432 -23.69 -3.30 49.28
C GLY A 432 -22.91 -4.28 48.42
N GLN A 433 -23.46 -5.46 48.19
CA GLN A 433 -22.77 -6.52 47.46
C GLN A 433 -22.99 -6.42 45.95
N LEU A 434 -23.53 -5.30 45.47
CA LEU A 434 -23.72 -5.11 44.04
C LEU A 434 -22.38 -5.12 43.33
N ARG A 435 -22.33 -5.80 42.18
CA ARG A 435 -21.09 -5.95 41.41
C ARG A 435 -21.17 -5.31 40.03
N ILE A 436 -22.22 -5.60 39.26
CA ILE A 436 -22.41 -5.05 37.93
C ILE A 436 -23.64 -4.16 37.94
N LEU A 437 -23.46 -2.90 37.55
CA LEU A 437 -24.54 -1.92 37.57
C LEU A 437 -24.61 -1.23 36.21
N ASP A 438 -25.83 -1.10 35.67
CA ASP A 438 -26.04 -0.56 34.34
C ASP A 438 -27.04 0.59 34.42
N LEU A 439 -26.61 1.78 34.02
CA LEU A 439 -27.48 2.95 33.93
C LEU A 439 -27.53 3.51 32.51
N GLY A 440 -27.15 2.71 31.51
CA GLY A 440 -27.04 3.21 30.16
C GLY A 440 -28.40 3.39 29.50
N LEU A 441 -28.36 4.11 28.36
CA LEU A 441 -29.54 4.35 27.53
C LEU A 441 -30.65 5.04 28.31
N ASN A 442 -30.29 6.14 28.98
CA ASN A 442 -31.24 6.93 29.75
C ASN A 442 -31.04 8.41 29.45
N GLU A 443 -31.96 9.22 29.96
CA GLU A 443 -31.94 10.67 29.76
C GLU A 443 -31.47 11.42 31.00
N ILE A 444 -30.50 10.86 31.73
CA ILE A 444 -30.04 11.51 32.96
C ILE A 444 -29.40 12.84 32.63
N GLU A 445 -29.86 13.89 33.32
CA GLU A 445 -29.38 15.26 33.13
C GLU A 445 -29.10 15.86 34.51
N GLN A 446 -27.96 15.49 35.09
CA GLN A 446 -27.58 15.96 36.41
C GLN A 446 -26.06 15.91 36.55
N LYS A 447 -25.54 16.69 37.49
CA LYS A 447 -24.11 16.67 37.75
C LYS A 447 -23.77 15.53 38.70
N LEU A 448 -22.63 14.89 38.45
CA LEU A 448 -22.17 13.76 39.26
C LEU A 448 -21.50 14.31 40.51
N SER A 449 -22.25 14.40 41.60
CA SER A 449 -21.70 14.95 42.85
C SER A 449 -20.74 13.96 43.51
N GLY A 450 -21.03 12.66 43.39
CA GLY A 450 -20.21 11.63 43.97
C GLY A 450 -20.85 10.87 45.11
N GLN A 451 -21.90 11.41 45.73
CA GLN A 451 -22.58 10.74 46.83
C GLN A 451 -23.57 9.68 46.36
N GLU A 452 -23.85 9.61 45.07
CA GLU A 452 -24.81 8.64 44.57
C GLU A 452 -24.27 7.22 44.63
N TRP A 453 -22.95 7.07 44.54
CA TRP A 453 -22.31 5.76 44.54
C TRP A 453 -21.95 5.28 45.94
N ARG A 454 -22.51 5.89 46.98
CA ARG A 454 -22.23 5.47 48.35
C ARG A 454 -22.80 4.09 48.61
N GLY A 455 -22.02 3.25 49.29
CA GLY A 455 -22.45 1.91 49.63
C GLY A 455 -22.02 0.83 48.66
N LEU A 456 -21.50 1.19 47.49
CA LEU A 456 -21.06 0.21 46.50
C LEU A 456 -19.58 -0.12 46.72
N ARG A 457 -19.35 -1.01 47.68
CA ARG A 457 -17.99 -1.42 47.99
C ARG A 457 -17.48 -2.47 47.00
N ASN A 458 -18.34 -3.40 46.61
CA ASN A 458 -17.95 -4.52 45.76
C ASN A 458 -18.38 -4.34 44.30
N ILE A 459 -18.69 -3.12 43.88
CA ILE A 459 -19.10 -2.89 42.49
C ILE A 459 -17.89 -3.01 41.59
N PHE A 460 -18.11 -3.57 40.40
CA PHE A 460 -17.04 -3.84 39.44
C PHE A 460 -17.20 -3.08 38.14
N GLU A 461 -18.40 -3.05 37.58
CA GLU A 461 -18.64 -2.43 36.28
C GLU A 461 -19.80 -1.45 36.39
N ILE A 462 -19.62 -0.26 35.81
CA ILE A 462 -20.65 0.77 35.78
C ILE A 462 -20.86 1.19 34.33
N TYR A 463 -22.12 1.13 33.89
CA TYR A 463 -22.50 1.40 32.50
C TYR A 463 -23.29 2.71 32.46
N LEU A 464 -22.63 3.79 32.04
CA LEU A 464 -23.28 5.08 31.86
C LEU A 464 -23.27 5.54 30.41
N SER A 465 -23.33 4.61 29.46
CA SER A 465 -23.29 4.98 28.05
C SER A 465 -24.64 5.49 27.58
N TYR A 466 -24.61 6.27 26.50
CA TYR A 466 -25.79 6.82 25.82
C TYR A 466 -26.65 7.72 26.71
N ASN A 467 -26.07 8.30 27.76
CA ASN A 467 -26.83 9.21 28.61
C ASN A 467 -26.89 10.60 27.98
N LYS A 468 -27.80 11.42 28.50
CA LYS A 468 -28.06 12.73 27.88
C LYS A 468 -26.98 13.74 28.25
N TYR A 469 -26.80 13.99 29.55
CA TYR A 469 -25.92 15.07 29.98
C TYR A 469 -25.44 14.80 31.40
N LEU A 470 -24.13 14.94 31.61
CA LEU A 470 -23.53 14.74 32.91
C LEU A 470 -22.43 15.76 33.12
N GLN A 471 -22.06 15.94 34.39
CA GLN A 471 -20.97 16.82 34.78
C GLN A 471 -20.09 16.10 35.79
N LEU A 472 -18.81 15.95 35.47
CA LEU A 472 -17.89 15.26 36.35
C LEU A 472 -17.39 16.21 37.44
N SER A 473 -16.92 15.60 38.54
CA SER A 473 -16.41 16.35 39.67
C SER A 473 -15.17 15.66 40.22
N THR A 474 -14.42 16.38 41.05
CA THR A 474 -13.19 15.83 41.61
C THR A 474 -13.48 14.66 42.53
N SER A 475 -14.54 14.75 43.34
CA SER A 475 -14.94 13.69 44.24
C SER A 475 -16.08 12.84 43.67
N SER A 476 -16.13 12.69 42.34
CA SER A 476 -17.21 11.92 41.74
C SER A 476 -17.06 10.43 42.00
N PHE A 477 -15.89 9.88 41.69
CA PHE A 477 -15.64 8.44 41.84
C PHE A 477 -14.72 8.13 43.02
N ALA A 478 -14.75 8.95 44.07
CA ALA A 478 -13.85 8.73 45.20
C ALA A 478 -14.35 7.59 46.08
N LEU A 479 -15.67 7.46 46.25
CA LEU A 479 -16.20 6.41 47.10
C LEU A 479 -16.07 5.03 46.46
N VAL A 480 -15.67 4.97 45.19
CA VAL A 480 -15.58 3.70 44.47
C VAL A 480 -14.15 3.50 43.99
N PRO A 481 -13.22 3.09 44.85
CA PRO A 481 -11.86 2.78 44.36
C PRO A 481 -11.78 1.43 43.67
N SER A 482 -12.65 0.48 44.05
CA SER A 482 -12.58 -0.88 43.53
C SER A 482 -13.14 -1.01 42.11
N LEU A 483 -13.52 0.10 41.48
CA LEU A 483 -14.09 0.03 40.13
C LEU A 483 -13.06 -0.45 39.13
N GLN A 484 -13.49 -1.34 38.23
CA GLN A 484 -12.62 -1.88 37.19
C GLN A 484 -13.06 -1.54 35.78
N ARG A 485 -14.34 -1.26 35.56
CA ARG A 485 -14.85 -0.94 34.23
C ARG A 485 -15.78 0.27 34.33
N LEU A 486 -15.63 1.18 33.38
CA LEU A 486 -16.43 2.40 33.34
C LEU A 486 -16.64 2.82 31.90
N MET A 487 -17.87 3.18 31.55
CA MET A 487 -18.25 3.51 30.18
C MET A 487 -18.94 4.86 30.14
N LEU A 488 -18.47 5.74 29.25
CA LEU A 488 -19.07 7.05 29.04
C LEU A 488 -19.37 7.31 27.57
N ARG A 489 -19.92 6.34 26.85
CA ARG A 489 -20.18 6.53 25.43
C ARG A 489 -21.40 7.42 25.22
N ARG A 490 -21.19 8.51 24.48
CA ARG A 490 -22.25 9.47 24.16
C ARG A 490 -22.94 9.96 25.43
N VAL A 491 -22.25 10.82 26.18
CA VAL A 491 -22.78 11.38 27.41
C VAL A 491 -22.66 12.90 27.43
N ALA A 492 -22.03 13.50 26.42
CA ALA A 492 -21.72 14.92 26.40
C ALA A 492 -20.98 15.34 27.67
N LEU A 493 -19.84 14.69 27.90
CA LEU A 493 -19.07 14.92 29.12
C LEU A 493 -18.52 16.34 29.16
N LYS A 494 -18.51 16.92 30.36
CA LYS A 494 -17.98 18.26 30.58
C LYS A 494 -17.23 18.28 31.90
N ASN A 495 -16.45 19.35 32.09
CA ASN A 495 -15.65 19.55 33.30
C ASN A 495 -14.66 18.39 33.51
N VAL A 496 -14.19 17.78 32.42
CA VAL A 496 -13.26 16.68 32.53
C VAL A 496 -11.85 17.19 32.84
N ASP A 497 -11.52 18.38 32.37
CA ASP A 497 -10.19 18.98 32.57
C ASP A 497 -10.18 19.78 33.88
N ILE A 498 -10.13 19.04 34.99
CA ILE A 498 -10.05 19.63 36.31
C ILE A 498 -8.98 18.90 37.12
N SER A 499 -8.36 19.61 38.05
CA SER A 499 -7.33 19.05 38.91
C SER A 499 -7.86 18.93 40.33
N PRO A 500 -7.73 17.76 40.98
CA PRO A 500 -7.11 16.55 40.42
C PRO A 500 -8.02 15.80 39.45
N SER A 501 -7.48 14.76 38.82
CA SER A 501 -8.26 14.02 37.83
C SER A 501 -9.35 13.22 38.52
N PRO A 502 -10.60 13.32 38.06
CA PRO A 502 -11.68 12.53 38.69
C PRO A 502 -11.46 11.04 38.63
N PHE A 503 -10.71 10.57 37.63
CA PHE A 503 -10.40 9.15 37.51
C PHE A 503 -9.21 8.72 38.37
N ARG A 504 -8.70 9.62 39.23
CA ARG A 504 -7.56 9.26 40.06
C ARG A 504 -7.86 8.19 41.10
N PRO A 505 -8.94 8.26 41.89
CA PRO A 505 -9.16 7.22 42.90
C PRO A 505 -9.44 5.84 42.32
N LEU A 506 -9.78 5.76 41.04
CA LEU A 506 -10.02 4.47 40.37
C LEU A 506 -8.69 3.76 40.19
N ARG A 507 -8.17 3.21 41.29
CA ARG A 507 -6.87 2.55 41.25
C ARG A 507 -6.91 1.27 40.44
N ASN A 508 -7.99 0.51 40.56
CA ASN A 508 -8.12 -0.76 39.86
C ASN A 508 -8.88 -0.63 38.55
N LEU A 509 -8.91 0.55 37.95
CA LEU A 509 -9.61 0.74 36.68
C LEU A 509 -8.89 -0.01 35.57
N THR A 510 -9.61 -0.91 34.90
CA THR A 510 -9.06 -1.72 33.82
C THR A 510 -9.54 -1.30 32.45
N ILE A 511 -10.86 -1.14 32.26
CA ILE A 511 -11.43 -0.76 30.98
C ILE A 511 -12.16 0.57 31.15
N LEU A 512 -11.71 1.58 30.41
CA LEU A 512 -12.31 2.91 30.43
C LEU A 512 -12.75 3.27 29.02
N ASP A 513 -14.03 3.60 28.86
CA ASP A 513 -14.62 3.83 27.54
C ASP A 513 -15.35 5.17 27.57
N LEU A 514 -14.81 6.15 26.85
CA LEU A 514 -15.47 7.44 26.65
C LEU A 514 -15.38 7.80 25.18
N SER A 515 -16.53 7.83 24.50
CA SER A 515 -16.58 8.13 23.08
C SER A 515 -17.76 9.05 22.81
N ASN A 516 -17.63 9.84 21.74
CA ASN A 516 -18.66 10.79 21.32
C ASN A 516 -18.99 11.79 22.44
N ASN A 517 -17.95 12.34 23.05
CA ASN A 517 -18.11 13.37 24.08
C ASN A 517 -17.84 14.78 23.58
N ASN A 518 -17.06 14.92 22.50
CA ASN A 518 -16.69 16.23 21.96
C ASN A 518 -16.00 17.10 23.01
N ILE A 519 -15.03 16.50 23.70
CA ILE A 519 -14.25 17.19 24.72
C ILE A 519 -13.06 17.85 24.04
N ALA A 520 -13.08 19.19 23.97
CA ALA A 520 -12.04 19.91 23.25
C ALA A 520 -10.77 20.04 24.09
N ASN A 521 -10.93 20.31 25.39
CA ASN A 521 -9.80 20.57 26.27
C ASN A 521 -9.72 19.47 27.31
N ILE A 522 -8.56 18.79 27.38
CA ILE A 522 -8.30 17.75 28.36
C ILE A 522 -7.00 18.09 29.08
N ASN A 523 -7.04 18.08 30.40
CA ASN A 523 -5.87 18.41 31.19
C ASN A 523 -4.83 17.29 31.12
N GLU A 524 -3.61 17.61 31.53
CA GLU A 524 -2.51 16.65 31.44
C GLU A 524 -2.59 15.62 32.57
N ASP A 525 -3.12 16.02 33.72
CA ASP A 525 -3.12 15.13 34.88
C ASP A 525 -4.14 14.01 34.76
N LEU A 526 -5.02 14.05 33.76
CA LEU A 526 -6.03 13.02 33.62
C LEU A 526 -5.41 11.71 33.19
N LEU A 527 -5.94 10.60 33.72
CA LEU A 527 -5.38 9.26 33.53
C LEU A 527 -3.93 9.19 34.01
N GLU A 528 -3.71 9.60 35.25
CA GLU A 528 -2.40 9.46 35.89
C GLU A 528 -2.50 8.40 36.99
N GLY A 529 -1.42 7.63 37.16
CA GLY A 529 -1.40 6.56 38.13
C GLY A 529 -2.25 5.36 37.78
N LEU A 530 -2.81 5.30 36.57
CA LEU A 530 -3.69 4.21 36.17
C LEU A 530 -2.86 3.07 35.58
N GLU A 531 -2.15 2.37 36.48
CA GLU A 531 -1.29 1.28 36.04
C GLU A 531 -2.10 0.09 35.55
N ASN A 532 -3.27 -0.15 36.15
CA ASN A 532 -4.09 -1.28 35.77
C ASN A 532 -4.91 -1.01 34.51
N LEU A 533 -4.82 0.19 33.95
CA LEU A 533 -5.56 0.51 32.73
C LEU A 533 -5.05 -0.32 31.57
N GLU A 534 -5.97 -1.03 30.91
CA GLU A 534 -5.63 -1.93 29.81
C GLU A 534 -6.29 -1.53 28.50
N ILE A 535 -7.59 -1.25 28.51
CA ILE A 535 -8.33 -0.88 27.30
C ILE A 535 -8.76 0.57 27.43
N LEU A 536 -8.53 1.35 26.36
CA LEU A 536 -8.90 2.76 26.32
C LEU A 536 -9.58 3.06 25.00
N ASP A 537 -10.75 3.69 25.07
CA ASP A 537 -11.50 4.11 23.90
C ASP A 537 -11.61 5.63 23.89
N PHE A 538 -11.21 6.24 22.77
CA PHE A 538 -11.22 7.70 22.63
C PHE A 538 -11.76 8.14 21.28
N GLN A 539 -12.87 7.57 20.82
CA GLN A 539 -13.38 7.88 19.50
C GLN A 539 -14.30 9.09 19.54
N HIS A 540 -14.15 9.96 18.53
CA HIS A 540 -15.06 11.09 18.30
C HIS A 540 -15.10 12.04 19.50
N ASN A 541 -13.93 12.57 19.89
CA ASN A 541 -13.85 13.57 20.94
C ASN A 541 -13.11 14.83 20.51
N ASN A 542 -12.69 14.90 19.25
CA ASN A 542 -12.01 16.09 18.70
C ASN A 542 -10.75 16.43 19.50
N LEU A 543 -9.67 15.70 19.20
CA LEU A 543 -8.39 15.89 19.87
C LEU A 543 -7.36 16.57 18.98
N ALA A 544 -7.79 17.30 17.94
CA ALA A 544 -6.84 17.91 17.02
C ALA A 544 -6.17 19.13 17.64
N ARG A 545 -6.97 20.01 18.26
CA ARG A 545 -6.42 21.28 18.77
C ARG A 545 -5.51 21.05 19.96
N LEU A 546 -5.78 20.00 20.75
CA LEU A 546 -5.03 19.80 21.98
C LEU A 546 -3.59 19.38 21.72
N TRP A 547 -3.34 18.60 20.67
CA TRP A 547 -2.03 17.99 20.47
C TRP A 547 -1.10 18.84 19.62
N LYS A 548 -1.61 19.33 18.48
CA LYS A 548 -0.86 20.00 17.39
C LYS A 548 0.28 20.83 17.98
N ARG A 549 0.06 22.09 18.30
CA ARG A 549 1.04 22.94 18.99
C ARG A 549 0.26 23.74 20.03
N ALA A 550 0.17 23.17 21.24
CA ALA A 550 -0.71 23.74 22.25
C ALA A 550 -0.26 25.13 22.67
N ASN A 551 -1.21 26.04 22.80
CA ASN A 551 -0.90 27.38 23.27
C ASN A 551 -0.42 27.42 24.71
N PRO A 552 -1.00 26.68 25.67
CA PRO A 552 -0.44 26.70 27.03
C PRO A 552 0.96 26.13 27.12
N GLY A 553 1.32 25.19 26.24
CA GLY A 553 2.64 24.60 26.27
C GLY A 553 2.95 23.70 25.10
N GLY A 554 2.93 22.38 25.33
CA GLY A 554 3.21 21.42 24.29
C GLY A 554 2.22 20.28 24.29
N PRO A 555 2.66 19.11 23.83
CA PRO A 555 1.77 17.93 23.82
C PRO A 555 1.41 17.52 25.24
N VAL A 556 0.13 17.21 25.45
CA VAL A 556 -0.33 16.85 26.78
C VAL A 556 0.16 15.47 27.17
N ASN A 557 0.30 14.57 26.19
CA ASN A 557 0.75 13.19 26.39
C ASN A 557 0.13 12.56 27.64
N PHE A 558 -1.21 12.50 27.65
CA PHE A 558 -1.92 11.97 28.82
C PHE A 558 -1.61 10.50 29.04
N LEU A 559 -1.08 9.82 28.03
CA LEU A 559 -0.61 8.43 28.18
C LEU A 559 0.79 8.43 28.81
N LYS A 560 0.83 8.81 30.09
CA LYS A 560 2.12 8.91 30.78
C LYS A 560 2.56 7.56 31.33
N GLY A 561 1.85 7.03 32.33
CA GLY A 561 2.27 5.80 32.98
C GLY A 561 1.32 4.64 32.77
N LEU A 562 0.57 4.67 31.66
CA LEU A 562 -0.35 3.58 31.32
C LEU A 562 0.46 2.46 30.68
N SER A 563 1.25 1.78 31.51
CA SER A 563 2.16 0.75 31.01
C SER A 563 1.40 -0.49 30.54
N HIS A 564 0.39 -0.91 31.30
CA HIS A 564 -0.36 -2.12 30.98
C HIS A 564 -1.46 -1.88 29.95
N LEU A 565 -1.42 -0.78 29.21
CA LEU A 565 -2.41 -0.52 28.18
C LEU A 565 -2.24 -1.52 27.04
N HIS A 566 -3.35 -2.12 26.62
CA HIS A 566 -3.34 -3.14 25.58
C HIS A 566 -4.05 -2.70 24.31
N ILE A 567 -5.28 -2.22 24.42
CA ILE A 567 -6.08 -1.81 23.26
C ILE A 567 -6.32 -0.31 23.35
N LEU A 568 -5.98 0.39 22.26
CA LEU A 568 -6.08 1.85 22.22
C LEU A 568 -6.79 2.25 20.94
N ASN A 569 -7.71 3.21 21.03
CA ASN A 569 -8.51 3.66 19.91
C ASN A 569 -8.60 5.18 19.94
N LEU A 570 -8.17 5.82 18.85
CA LEU A 570 -8.26 7.27 18.68
C LEU A 570 -8.83 7.64 17.33
N GLU A 571 -9.94 7.01 16.94
CA GLU A 571 -10.50 7.24 15.61
C GLU A 571 -11.41 8.46 15.61
N SER A 572 -11.41 9.16 14.46
CA SER A 572 -12.35 10.26 14.20
C SER A 572 -12.18 11.41 15.19
N ASN A 573 -10.94 11.79 15.48
CA ASN A 573 -10.66 13.00 16.23
C ASN A 573 -10.08 14.10 15.36
N GLY A 574 -9.79 13.82 14.09
CA GLY A 574 -9.31 14.84 13.19
C GLY A 574 -7.89 15.31 13.43
N LEU A 575 -7.05 14.50 14.04
CA LEU A 575 -5.68 14.92 14.33
C LEU A 575 -4.86 14.97 13.05
N ASP A 576 -4.08 16.03 12.90
CA ASP A 576 -3.28 16.24 11.69
C ASP A 576 -1.81 15.89 11.87
N GLU A 577 -1.36 15.65 13.10
CA GLU A 577 0.01 15.23 13.35
C GLU A 577 0.09 14.55 14.71
N ILE A 578 1.13 13.73 14.87
CA ILE A 578 1.36 12.97 16.10
C ILE A 578 2.65 13.49 16.73
N PRO A 579 2.60 14.03 17.94
CA PRO A 579 3.83 14.50 18.58
C PRO A 579 4.70 13.34 19.01
N VAL A 580 6.02 13.52 18.87
CA VAL A 580 6.97 12.47 19.22
C VAL A 580 7.07 12.35 20.74
N GLY A 581 7.09 11.11 21.23
CA GLY A 581 7.22 10.85 22.65
C GLY A 581 5.94 10.55 23.38
N VAL A 582 4.79 10.55 22.71
CA VAL A 582 3.53 10.29 23.38
C VAL A 582 3.34 8.79 23.61
N PHE A 583 3.95 7.97 22.76
CA PHE A 583 3.86 6.52 22.89
C PHE A 583 5.08 5.90 23.55
N LYS A 584 5.90 6.70 24.22
CA LYS A 584 7.07 6.17 24.91
C LYS A 584 6.66 5.32 26.10
N ASN A 585 7.45 4.28 26.37
CA ASN A 585 7.21 3.36 27.48
C ASN A 585 5.81 2.74 27.42
N LEU A 586 5.44 2.31 26.21
CA LEU A 586 4.16 1.65 25.96
C LEU A 586 4.46 0.27 25.36
N PHE A 587 5.01 -0.62 26.19
CA PHE A 587 5.44 -1.93 25.70
C PHE A 587 4.25 -2.86 25.46
N GLU A 588 3.34 -2.93 26.43
CA GLU A 588 2.24 -3.88 26.36
C GLU A 588 1.14 -3.48 25.39
N LEU A 589 1.32 -2.39 24.64
CA LEU A 589 0.30 -1.95 23.70
C LEU A 589 0.20 -2.92 22.54
N LYS A 590 -1.02 -3.33 22.20
CA LYS A 590 -1.27 -4.33 21.17
C LYS A 590 -1.98 -3.76 19.95
N SER A 591 -3.04 -2.98 20.13
CA SER A 591 -3.86 -2.51 19.02
C SER A 591 -3.94 -0.98 19.04
N ILE A 592 -3.82 -0.37 17.86
CA ILE A 592 -3.94 1.07 17.69
C ILE A 592 -4.95 1.34 16.58
N ASN A 593 -5.89 2.24 16.84
CA ASN A 593 -6.91 2.61 15.87
C ASN A 593 -6.86 4.13 15.67
N LEU A 594 -6.31 4.57 14.54
CA LEU A 594 -6.19 5.99 14.22
C LEU A 594 -6.89 6.31 12.91
N GLY A 595 -7.97 5.61 12.59
CA GLY A 595 -8.69 5.87 11.36
C GLY A 595 -9.47 7.17 11.41
N LEU A 596 -9.84 7.65 10.23
CA LEU A 596 -10.64 8.86 10.07
C LEU A 596 -9.93 10.06 10.69
N ASN A 597 -8.63 10.18 10.46
CA ASN A 597 -7.82 11.28 10.96
C ASN A 597 -7.28 12.09 9.79
N ASN A 598 -6.69 13.24 10.11
CA ASN A 598 -6.14 14.14 9.11
C ASN A 598 -4.62 14.19 9.13
N LEU A 599 -3.95 13.17 9.67
CA LEU A 599 -2.50 13.18 9.74
C LEU A 599 -1.89 12.98 8.35
N ASN A 600 -0.80 13.67 8.09
CA ASN A 600 -0.08 13.58 6.82
C ASN A 600 1.39 13.27 7.00
N LYS A 601 2.10 14.02 7.85
CA LYS A 601 3.52 13.81 8.11
C LYS A 601 3.68 13.14 9.47
N LEU A 602 4.47 12.07 9.50
CA LEU A 602 4.73 11.32 10.72
C LEU A 602 6.20 11.47 11.10
N GLU A 603 6.46 11.92 12.32
CA GLU A 603 7.82 12.07 12.79
C GLU A 603 8.47 10.69 12.98
N PRO A 604 9.78 10.60 12.80
CA PRO A 604 10.46 9.31 12.99
C PRO A 604 10.57 8.95 14.47
N PHE A 605 10.83 7.66 14.71
CA PHE A 605 11.04 7.10 16.04
C PHE A 605 9.83 7.30 16.96
N ILE A 606 8.61 7.27 16.40
CA ILE A 606 7.42 7.40 17.23
C ILE A 606 6.90 6.04 17.66
N PHE A 607 7.10 5.02 16.82
CA PHE A 607 6.66 3.66 17.11
C PHE A 607 7.81 2.74 17.49
N ASP A 608 8.86 3.28 18.10
CA ASP A 608 10.02 2.45 18.46
C ASP A 608 9.69 1.48 19.60
N ASP A 609 8.93 1.95 20.59
CA ASP A 609 8.56 1.08 21.70
C ASP A 609 7.52 0.06 21.28
N GLN A 610 6.84 0.29 20.15
CA GLN A 610 5.78 -0.60 19.68
C GLN A 610 6.41 -1.81 18.97
N THR A 611 7.04 -2.66 19.79
CA THR A 611 7.66 -3.87 19.29
C THR A 611 6.76 -5.09 19.38
N SER A 612 5.75 -5.06 20.26
CA SER A 612 4.76 -6.14 20.37
C SER A 612 3.45 -5.79 19.70
N LEU A 613 3.47 -4.89 18.72
CA LEU A 613 2.24 -4.47 18.05
C LEU A 613 1.66 -5.62 17.24
N ARG A 614 0.34 -5.80 17.34
CA ARG A 614 -0.37 -6.84 16.61
C ARG A 614 -1.30 -6.29 15.54
N SER A 615 -2.13 -5.30 15.88
CA SER A 615 -3.08 -4.74 14.93
C SER A 615 -2.90 -3.23 14.88
N LEU A 616 -2.84 -2.68 13.66
CA LEU A 616 -2.69 -1.25 13.44
C LEU A 616 -3.67 -0.84 12.34
N ASN A 617 -4.44 0.21 12.60
CA ASN A 617 -5.47 0.67 11.67
C ASN A 617 -5.23 2.15 11.35
N LEU A 618 -5.00 2.44 10.08
CA LEU A 618 -4.90 3.80 9.59
C LEU A 618 -5.65 3.89 8.28
N GLN A 619 -6.93 4.21 8.35
CA GLN A 619 -7.79 4.24 7.17
C GLN A 619 -8.49 5.59 7.08
N LYS A 620 -8.71 6.03 5.84
CA LYS A 620 -9.36 7.32 5.56
C LYS A 620 -8.59 8.49 6.18
N ASN A 621 -7.27 8.50 5.99
CA ASN A 621 -6.40 9.56 6.45
C ASN A 621 -5.79 10.29 5.26
N LEU A 622 -4.87 11.21 5.56
CA LEU A 622 -4.09 11.91 4.55
C LEU A 622 -2.66 11.42 4.49
N ILE A 623 -2.41 10.16 4.80
CA ILE A 623 -1.05 9.63 4.77
C ILE A 623 -0.54 9.61 3.34
N THR A 624 0.68 10.10 3.14
CA THR A 624 1.28 10.20 1.82
C THR A 624 2.43 9.22 1.63
N SER A 625 3.38 9.18 2.55
CA SER A 625 4.56 8.32 2.42
C SER A 625 4.74 7.48 3.67
N VAL A 626 5.12 6.23 3.47
CA VAL A 626 5.42 5.30 4.55
C VAL A 626 6.91 4.98 4.50
N GLU A 627 7.62 5.29 5.58
CA GLU A 627 9.07 5.18 5.62
C GLU A 627 9.50 4.14 6.65
N LYS A 628 10.72 3.62 6.43
CA LYS A 628 11.26 2.60 7.33
C LYS A 628 11.51 3.16 8.72
N ASP A 629 12.14 4.34 8.82
CA ASP A 629 12.47 4.90 10.12
C ASP A 629 11.23 5.17 10.96
N VAL A 630 10.05 5.14 10.34
CA VAL A 630 8.81 5.34 11.10
C VAL A 630 8.11 4.01 11.34
N PHE A 631 8.10 3.12 10.35
CA PHE A 631 7.28 1.91 10.41
C PHE A 631 8.10 0.63 10.55
N GLY A 632 9.33 0.71 11.03
CA GLY A 632 10.14 -0.48 11.21
C GLY A 632 9.75 -1.35 12.39
N PRO A 633 9.88 -0.83 13.61
CA PRO A 633 9.58 -1.62 14.80
C PRO A 633 8.16 -2.17 14.81
N PRO A 634 7.13 -1.39 14.44
CA PRO A 634 5.78 -1.98 14.46
C PRO A 634 5.58 -3.07 13.43
N PHE A 635 6.22 -2.97 12.26
CA PHE A 635 6.01 -3.94 11.20
C PHE A 635 6.75 -5.25 11.43
N GLN A 636 7.58 -5.33 12.48
CA GLN A 636 8.36 -6.54 12.70
C GLN A 636 7.48 -7.72 13.08
N ASN A 637 6.61 -7.54 14.08
CA ASN A 637 5.71 -8.59 14.54
C ASN A 637 4.25 -8.23 14.35
N LEU A 638 3.94 -7.33 13.42
CA LEU A 638 2.55 -6.94 13.18
C LEU A 638 1.76 -8.10 12.61
N ASN A 639 0.53 -8.29 13.11
CA ASN A 639 -0.29 -9.40 12.65
C ASN A 639 -1.23 -8.97 11.53
N SER A 640 -2.06 -7.96 11.77
CA SER A 640 -3.02 -7.51 10.77
C SER A 640 -2.96 -5.99 10.68
N LEU A 641 -3.18 -5.48 9.48
CA LEU A 641 -3.07 -4.05 9.21
C LEU A 641 -4.14 -3.63 8.21
N ASP A 642 -4.63 -2.41 8.36
CA ASP A 642 -5.64 -1.84 7.47
C ASP A 642 -5.23 -0.42 7.12
N MET A 643 -4.95 -0.18 5.84
CA MET A 643 -4.53 1.14 5.38
C MET A 643 -5.20 1.54 4.06
N ARG A 644 -6.44 1.10 3.83
CA ARG A 644 -7.14 1.46 2.61
C ARG A 644 -7.68 2.89 2.72
N PHE A 645 -8.19 3.40 1.58
CA PHE A 645 -8.76 4.74 1.48
C PHE A 645 -7.73 5.80 1.89
N ASN A 646 -6.51 5.66 1.40
CA ASN A 646 -5.44 6.60 1.71
C ASN A 646 -4.81 7.09 0.41
N PRO A 647 -4.51 8.38 0.29
CA PRO A 647 -3.84 8.90 -0.93
C PRO A 647 -2.33 8.74 -0.88
N PHE A 648 -1.84 7.59 -1.36
CA PHE A 648 -0.41 7.34 -1.39
C PHE A 648 0.24 8.09 -2.54
N ASP A 649 1.51 8.45 -2.35
CA ASP A 649 2.34 9.02 -3.40
C ASP A 649 3.16 7.89 -4.02
N CYS A 650 2.81 7.53 -5.25
CA CYS A 650 3.42 6.37 -5.92
C CYS A 650 4.79 6.77 -6.47
N THR A 651 5.73 6.98 -5.55
CA THR A 651 7.12 7.26 -5.89
C THR A 651 8.03 6.31 -5.14
N CYS A 652 9.24 6.11 -5.69
CA CYS A 652 10.21 5.22 -5.05
C CYS A 652 10.55 5.70 -3.65
N GLU A 653 11.12 6.91 -3.53
CA GLU A 653 11.55 7.42 -2.23
C GLU A 653 10.41 7.40 -1.22
N SER A 654 9.16 7.41 -1.69
CA SER A 654 8.03 7.39 -0.78
C SER A 654 7.69 5.97 -0.32
N ILE A 655 7.38 5.07 -1.26
CA ILE A 655 6.77 3.80 -0.89
C ILE A 655 7.57 2.59 -1.36
N SER A 656 8.87 2.74 -1.60
CA SER A 656 9.67 1.60 -2.03
C SER A 656 9.75 0.53 -0.95
N TRP A 657 10.13 0.94 0.27
CA TRP A 657 10.18 -0.02 1.36
C TRP A 657 8.80 -0.56 1.70
N PHE A 658 7.76 0.27 1.56
CA PHE A 658 6.40 -0.19 1.80
C PHE A 658 6.03 -1.33 0.86
N VAL A 659 6.27 -1.14 -0.44
CA VAL A 659 5.92 -2.18 -1.41
C VAL A 659 6.80 -3.41 -1.22
N ASN A 660 8.10 -3.20 -0.95
CA ASN A 660 9.00 -4.33 -0.76
C ASN A 660 8.60 -5.15 0.47
N TRP A 661 8.07 -4.48 1.49
CA TRP A 661 7.62 -5.20 2.68
C TRP A 661 6.30 -5.92 2.44
N ILE A 662 5.31 -5.22 1.87
CA ILE A 662 3.99 -5.82 1.67
C ILE A 662 4.08 -6.97 0.67
N ASN A 663 5.07 -6.94 -0.23
CA ASN A 663 5.26 -8.05 -1.15
C ASN A 663 5.77 -9.29 -0.43
N GLN A 664 6.77 -9.12 0.44
CA GLN A 664 7.41 -10.26 1.08
C GLN A 664 6.62 -10.73 2.30
N THR A 665 6.10 -9.81 3.10
CA THR A 665 5.46 -10.19 4.35
C THR A 665 4.17 -10.96 4.11
N HIS A 666 3.73 -11.71 5.12
CA HIS A 666 2.53 -12.53 5.04
C HIS A 666 1.40 -12.03 5.94
N THR A 667 1.49 -10.80 6.45
CA THR A 667 0.47 -10.30 7.35
C THR A 667 -0.86 -10.14 6.62
N ASN A 668 -1.95 -10.18 7.38
CA ASN A 668 -3.28 -10.09 6.80
C ASN A 668 -3.55 -8.66 6.30
N ILE A 669 -3.97 -8.56 5.04
CA ILE A 669 -4.35 -7.29 4.44
C ILE A 669 -5.75 -7.44 3.85
N SER A 670 -6.66 -6.57 4.26
CA SER A 670 -8.05 -6.61 3.83
C SER A 670 -8.24 -5.64 2.67
N GLU A 671 -8.81 -6.15 1.58
CA GLU A 671 -9.05 -5.35 0.36
C GLU A 671 -7.74 -4.75 -0.15
N LEU A 672 -6.79 -5.62 -0.49
CA LEU A 672 -5.47 -5.16 -0.89
C LEU A 672 -5.49 -4.52 -2.27
N SER A 673 -5.89 -5.28 -3.28
CA SER A 673 -5.83 -4.81 -4.66
C SER A 673 -7.04 -4.00 -5.10
N THR A 674 -7.96 -3.69 -4.18
CA THR A 674 -9.19 -2.99 -4.52
C THR A 674 -9.20 -1.54 -4.07
N HIS A 675 -8.97 -1.28 -2.78
CA HIS A 675 -9.08 0.07 -2.22
C HIS A 675 -7.73 0.74 -1.97
N TYR A 676 -6.64 0.18 -2.49
CA TYR A 676 -5.33 0.78 -2.37
C TYR A 676 -4.98 1.46 -3.69
N LEU A 677 -5.17 2.79 -3.73
CA LEU A 677 -4.98 3.56 -4.95
C LEU A 677 -3.94 4.66 -4.70
N CYS A 678 -3.42 5.21 -5.80
CA CYS A 678 -2.45 6.29 -5.76
C CYS A 678 -3.04 7.50 -6.48
N ASN A 679 -3.13 8.62 -5.75
CA ASN A 679 -3.67 9.84 -6.36
C ASN A 679 -2.60 10.58 -7.16
N THR A 680 -1.36 10.58 -6.68
CA THR A 680 -0.25 11.25 -7.32
C THR A 680 0.85 10.24 -7.62
N PRO A 681 1.59 10.42 -8.73
CA PRO A 681 1.46 11.49 -9.73
C PRO A 681 0.24 11.35 -10.63
N HIS A 682 0.05 12.31 -11.53
CA HIS A 682 -1.10 12.27 -12.44
C HIS A 682 -1.01 11.07 -13.38
N HIS A 683 0.21 10.62 -13.70
CA HIS A 683 0.37 9.45 -14.55
C HIS A 683 -0.09 8.19 -13.83
N TYR A 684 0.08 8.14 -12.51
CA TYR A 684 -0.33 6.99 -11.71
C TYR A 684 -1.67 7.22 -11.01
N TYR A 685 -2.49 8.13 -11.51
CA TYR A 685 -3.79 8.39 -10.91
C TYR A 685 -4.70 7.19 -11.10
N GLY A 686 -5.31 6.74 -9.99
CA GLY A 686 -6.23 5.60 -10.06
C GLY A 686 -5.54 4.29 -10.38
N PHE A 687 -4.33 4.10 -9.89
CA PHE A 687 -3.57 2.88 -10.13
C PHE A 687 -3.40 2.12 -8.81
N PRO A 688 -3.59 0.81 -8.80
CA PRO A 688 -3.42 0.04 -7.56
C PRO A 688 -1.99 0.10 -7.06
N LEU A 689 -1.83 0.06 -5.74
CA LEU A 689 -0.51 0.15 -5.14
C LEU A 689 0.29 -1.14 -5.32
N LYS A 690 -0.40 -2.27 -5.42
CA LYS A 690 0.30 -3.54 -5.55
C LYS A 690 0.97 -3.66 -6.92
N LEU A 691 0.37 -3.07 -7.95
CA LEU A 691 0.96 -3.14 -9.28
C LEU A 691 2.17 -2.25 -9.43
N PHE A 692 2.46 -1.41 -8.42
CA PHE A 692 3.62 -0.55 -8.47
C PHE A 692 4.90 -1.38 -8.44
N ASP A 693 5.84 -1.03 -9.31
CA ASP A 693 7.09 -1.76 -9.46
C ASP A 693 8.21 -0.96 -8.82
N THR A 694 9.04 -1.62 -8.00
CA THR A 694 10.15 -0.97 -7.32
C THR A 694 11.51 -1.33 -7.92
N SER A 695 11.55 -2.05 -9.04
CA SER A 695 12.83 -2.37 -9.65
C SER A 695 13.50 -1.12 -10.22
N SER A 696 12.70 -0.19 -10.74
CA SER A 696 13.23 1.06 -11.28
C SER A 696 13.27 2.13 -10.18
N CYS A 697 14.06 1.83 -9.15
CA CYS A 697 14.24 2.73 -8.02
C CYS A 697 15.72 2.93 -7.75
N LYS A 698 16.03 3.93 -6.93
CA LYS A 698 17.42 4.27 -6.67
C LYS A 698 18.07 3.29 -5.69
N ASP A 699 17.30 2.82 -4.71
CA ASP A 699 17.88 1.94 -3.69
C ASP A 699 18.10 0.53 -4.24
N SER A 700 17.50 0.20 -5.38
CA SER A 700 17.62 -1.15 -5.92
C SER A 700 19.00 -1.42 -6.49
N ALA A 701 19.50 -0.51 -7.34
CA ALA A 701 20.77 -0.74 -8.01
C ALA A 701 21.92 -0.23 -7.16
N PRO A 702 23.08 -0.87 -7.24
CA PRO A 702 24.24 -0.48 -6.41
C PRO A 702 25.09 0.64 -7.00
N PHE A 703 24.50 1.59 -7.74
CA PHE A 703 25.31 2.69 -8.26
C PHE A 703 25.81 3.58 -7.13
N GLU A 704 25.19 3.52 -5.95
CA GLU A 704 25.71 4.24 -4.80
C GLU A 704 27.13 3.80 -4.48
N LEU A 705 27.36 2.49 -4.39
CA LEU A 705 28.70 1.98 -4.14
C LEU A 705 29.58 2.09 -5.39
N LEU A 706 28.98 1.90 -6.57
CA LEU A 706 29.76 1.96 -7.80
C LEU A 706 30.37 3.35 -8.00
N PHE A 707 29.60 4.41 -7.70
CA PHE A 707 30.10 5.76 -7.85
C PHE A 707 31.29 6.01 -6.94
N ILE A 708 31.18 5.62 -5.66
CA ILE A 708 32.25 5.91 -4.73
C ILE A 708 33.50 5.11 -5.08
N ILE A 709 33.35 3.84 -5.49
CA ILE A 709 34.52 3.04 -5.79
C ILE A 709 35.19 3.53 -7.08
N SER A 710 34.39 3.89 -8.08
CA SER A 710 34.96 4.39 -9.33
C SER A 710 35.66 5.73 -9.12
N THR A 711 35.02 6.63 -8.36
CA THR A 711 35.63 7.93 -8.10
C THR A 711 36.92 7.80 -7.31
N SER A 712 36.92 6.95 -6.27
CA SER A 712 38.14 6.76 -5.50
C SER A 712 39.25 6.17 -6.35
N MET A 713 38.95 5.11 -7.12
CA MET A 713 39.96 4.51 -7.98
C MET A 713 40.51 5.51 -8.98
N LEU A 714 39.64 6.32 -9.58
CA LEU A 714 40.08 7.24 -10.62
C LEU A 714 40.93 8.36 -10.04
N LEU A 715 40.50 8.92 -8.90
CA LEU A 715 41.29 9.96 -8.26
C LEU A 715 42.65 9.44 -7.83
N VAL A 716 42.70 8.25 -7.22
CA VAL A 716 43.98 7.69 -6.80
C VAL A 716 44.88 7.44 -8.00
N PHE A 717 44.32 6.88 -9.09
CA PHE A 717 45.12 6.63 -10.28
C PHE A 717 45.69 7.93 -10.84
N ILE A 718 44.86 8.95 -11.02
CA ILE A 718 45.31 10.22 -11.59
C ILE A 718 46.39 10.83 -10.71
N LEU A 719 46.13 10.93 -9.40
CA LEU A 719 47.09 11.58 -8.50
C LEU A 719 48.40 10.81 -8.46
N VAL A 720 48.34 9.48 -8.36
CA VAL A 720 49.56 8.69 -8.27
C VAL A 720 50.38 8.82 -9.53
N VAL A 721 49.75 8.69 -10.70
CA VAL A 721 50.52 8.75 -11.95
C VAL A 721 51.07 10.16 -12.18
N LEU A 722 50.33 11.18 -11.74
CA LEU A 722 50.79 12.56 -11.94
C LEU A 722 51.96 12.88 -11.03
N LEU A 723 51.93 12.38 -9.79
CA LEU A 723 53.05 12.62 -8.88
C LEU A 723 54.24 11.75 -9.24
N ILE A 724 54.00 10.61 -9.89
CA ILE A 724 55.10 9.72 -10.27
C ILE A 724 55.84 10.27 -11.49
N HIS A 725 55.09 10.62 -12.54
CA HIS A 725 55.74 11.04 -13.77
C HIS A 725 56.32 12.45 -13.67
N ILE A 726 55.88 13.22 -12.67
CA ILE A 726 56.47 14.54 -12.45
C ILE A 726 57.88 14.40 -11.87
N GLU A 727 58.04 13.51 -10.89
CA GLU A 727 59.34 13.30 -10.27
C GLU A 727 60.08 12.15 -10.94
N GLU B 45 77.12 3.00 -40.92
CA GLU B 45 75.89 2.23 -40.71
C GLU B 45 74.68 3.00 -41.23
N GLU B 46 74.20 2.62 -42.40
CA GLU B 46 73.07 3.32 -43.02
C GLU B 46 71.75 2.60 -42.78
N GLU B 47 71.72 1.27 -42.93
CA GLU B 47 70.45 0.54 -42.80
C GLU B 47 70.01 0.46 -41.35
N GLU B 48 70.95 0.49 -40.40
CA GLU B 48 70.57 0.54 -38.99
C GLU B 48 69.84 1.84 -38.67
N GLU B 49 70.36 2.97 -39.17
CA GLU B 49 69.65 4.23 -39.03
C GLU B 49 68.31 4.20 -39.76
N ARG B 50 68.24 3.48 -40.88
CA ARG B 50 66.98 3.31 -41.58
C ARG B 50 65.94 2.63 -40.68
N ARG B 51 66.34 1.52 -40.06
CA ARG B 51 65.43 0.83 -39.15
C ARG B 51 65.07 1.71 -37.96
N TYR B 52 66.05 2.43 -37.41
CA TYR B 52 65.80 3.32 -36.28
C TYR B 52 64.72 4.35 -36.61
N TYR B 53 64.92 5.06 -37.72
CA TYR B 53 63.94 6.08 -38.10
C TYR B 53 62.62 5.47 -38.55
N ARG B 54 62.64 4.21 -39.02
CA ARG B 54 61.39 3.54 -39.33
C ARG B 54 60.58 3.27 -38.06
N ARG B 55 61.24 2.76 -37.01
CA ARG B 55 60.57 2.63 -35.73
C ARG B 55 60.07 3.98 -35.23
N LYS B 56 60.86 5.05 -35.44
CA LYS B 56 60.43 6.37 -35.00
C LYS B 56 59.17 6.83 -35.73
N ARG B 57 59.13 6.67 -37.06
CA ARG B 57 57.94 7.05 -37.80
C ARG B 57 56.74 6.19 -37.42
N LEU B 58 56.96 4.90 -37.19
CA LEU B 58 55.87 4.03 -36.77
C LEU B 58 55.32 4.46 -35.41
N GLY B 59 56.21 4.80 -34.48
CA GLY B 59 55.76 5.31 -33.20
C GLY B 59 54.99 6.61 -33.33
N VAL B 60 55.47 7.50 -34.19
CA VAL B 60 54.76 8.76 -34.42
C VAL B 60 53.34 8.50 -34.91
N VAL B 61 53.20 7.66 -35.94
CA VAL B 61 51.88 7.43 -36.51
C VAL B 61 50.99 6.66 -35.55
N LYS B 62 51.56 5.76 -34.74
CA LYS B 62 50.71 5.02 -33.81
C LYS B 62 50.27 5.88 -32.63
N ASN B 63 51.11 6.81 -32.18
CA ASN B 63 50.66 7.75 -31.15
C ASN B 63 49.62 8.70 -31.71
N VAL B 64 49.76 9.09 -32.98
CA VAL B 64 48.72 9.91 -33.62
C VAL B 64 47.39 9.18 -33.64
N LEU B 65 47.41 7.92 -34.09
CA LEU B 65 46.18 7.12 -34.13
C LEU B 65 45.62 6.91 -32.73
N ALA B 66 46.49 6.73 -31.73
CA ALA B 66 46.03 6.53 -30.37
C ALA B 66 45.34 7.77 -29.84
N ALA B 67 45.93 8.95 -30.06
CA ALA B 67 45.29 10.19 -29.63
C ALA B 67 43.97 10.40 -30.35
N SER B 68 43.91 10.06 -31.64
CA SER B 68 42.67 10.19 -32.39
C SER B 68 41.57 9.30 -31.82
N THR B 69 41.89 8.02 -31.60
CA THR B 69 40.91 7.10 -31.03
C THR B 69 40.53 7.47 -29.60
N GLY B 70 41.45 8.05 -28.83
CA GLY B 70 41.10 8.50 -27.50
C GLY B 70 40.13 9.66 -27.52
N VAL B 71 40.38 10.64 -28.40
CA VAL B 71 39.40 11.70 -28.62
C VAL B 71 38.05 11.11 -28.99
N THR B 72 38.05 10.16 -29.93
CA THR B 72 36.82 9.51 -30.37
C THR B 72 36.06 8.93 -29.19
N LEU B 73 36.69 8.04 -28.43
CA LEU B 73 36.01 7.35 -27.34
C LEU B 73 35.56 8.32 -26.26
N THR B 74 36.42 9.26 -25.87
CA THR B 74 36.08 10.19 -24.80
C THR B 74 34.90 11.07 -25.18
N TYR B 75 34.96 11.69 -26.37
CA TYR B 75 33.87 12.56 -26.79
C TYR B 75 32.59 11.77 -27.02
N GLY B 76 32.69 10.53 -27.51
CA GLY B 76 31.50 9.72 -27.68
C GLY B 76 30.83 9.39 -26.36
N VAL B 77 31.63 8.97 -25.38
CA VAL B 77 31.08 8.68 -24.06
C VAL B 77 30.44 9.92 -23.45
N TYR B 78 31.11 11.07 -23.59
CA TYR B 78 30.59 12.30 -23.01
C TYR B 78 29.27 12.70 -23.64
N LEU B 79 29.20 12.73 -24.98
CA LEU B 79 27.96 13.07 -25.65
C LEU B 79 26.85 12.08 -25.34
N GLY B 80 27.18 10.79 -25.30
CA GLY B 80 26.16 9.79 -25.01
C GLY B 80 25.57 9.95 -23.62
N LEU B 81 26.43 10.12 -22.61
CA LEU B 81 25.94 10.30 -21.25
C LEU B 81 25.16 11.59 -21.12
N LEU B 82 25.64 12.68 -21.73
CA LEU B 82 24.93 13.95 -21.64
C LEU B 82 23.56 13.86 -22.28
N GLN B 83 23.46 13.25 -23.45
CA GLN B 83 22.18 13.10 -24.12
C GLN B 83 21.23 12.22 -23.32
N MET B 84 21.75 11.11 -22.78
CA MET B 84 20.91 10.21 -21.98
C MET B 84 20.38 10.92 -20.74
N GLN B 85 21.21 11.75 -20.11
CA GLN B 85 20.78 12.45 -18.90
C GLN B 85 19.79 13.57 -19.24
N LEU B 86 19.99 14.26 -20.36
CA LEU B 86 19.04 15.31 -20.73
C LEU B 86 17.70 14.73 -21.16
N ILE B 87 17.69 13.55 -21.78
CA ILE B 87 16.43 12.95 -22.22
C ILE B 87 15.71 12.27 -21.07
N LEU B 88 16.46 11.57 -20.20
CA LEU B 88 15.85 10.87 -19.09
C LEU B 88 15.28 11.82 -18.04
N HIS B 89 15.65 13.09 -18.08
CA HIS B 89 15.17 14.07 -17.11
C HIS B 89 14.03 14.94 -17.65
N TYR B 90 13.52 14.62 -18.83
CA TYR B 90 12.42 15.37 -19.43
C TYR B 90 11.18 14.48 -19.43
N ASP B 91 10.58 14.35 -18.24
CA ASP B 91 9.36 13.59 -18.02
C ASP B 91 8.94 13.81 -16.57
N GLU B 92 7.74 13.35 -16.24
CA GLU B 92 7.26 13.41 -14.86
C GLU B 92 7.54 12.12 -14.09
N THR B 93 7.49 10.97 -14.78
CA THR B 93 7.64 9.69 -14.11
C THR B 93 9.04 9.54 -13.52
N TYR B 94 10.07 9.61 -14.37
CA TYR B 94 11.44 9.44 -13.89
C TYR B 94 11.89 10.57 -12.97
N ARG B 95 11.20 11.71 -12.99
CA ARG B 95 11.59 12.83 -12.14
C ARG B 95 10.96 12.73 -10.75
N GLU B 96 9.67 12.37 -10.68
CA GLU B 96 8.98 12.34 -9.39
C GLU B 96 9.08 10.99 -8.70
N VAL B 97 9.09 9.90 -9.46
CA VAL B 97 9.12 8.58 -8.85
C VAL B 97 10.50 8.27 -8.30
N LYS B 98 11.54 8.44 -9.12
CA LYS B 98 12.89 8.07 -8.70
C LYS B 98 13.49 9.09 -7.74
N TYR B 99 13.31 10.38 -8.03
CA TYR B 99 13.88 11.44 -7.20
C TYR B 99 12.83 12.18 -6.40
N GLY B 100 11.79 12.71 -7.07
CA GLY B 100 10.76 13.45 -6.37
C GLY B 100 11.13 14.89 -6.13
N ASN B 101 11.32 15.26 -4.86
CA ASN B 101 11.63 16.64 -4.48
C ASN B 101 13.14 16.86 -4.38
N MET B 102 13.86 16.52 -5.45
CA MET B 102 15.29 16.79 -5.55
C MET B 102 15.63 17.93 -6.50
N GLY B 103 14.66 18.42 -7.27
CA GLY B 103 14.91 19.53 -8.19
C GLY B 103 15.78 19.16 -9.36
N LEU B 104 15.28 18.29 -10.24
CA LEU B 104 16.02 17.85 -11.42
C LEU B 104 16.25 18.98 -12.42
N PRO B 105 15.25 19.81 -12.75
CA PRO B 105 15.54 20.94 -13.65
C PRO B 105 16.56 21.91 -13.10
N ASP B 106 16.53 22.17 -11.79
CA ASP B 106 17.48 23.09 -11.18
C ASP B 106 18.91 22.57 -11.29
N ILE B 107 19.13 21.31 -10.91
CA ILE B 107 20.47 20.75 -10.98
C ILE B 107 20.92 20.60 -12.42
N ASP B 108 19.99 20.33 -13.35
CA ASP B 108 20.35 20.25 -14.76
C ASP B 108 20.81 21.61 -15.29
N SER B 109 20.06 22.66 -14.97
CA SER B 109 20.46 24.00 -15.40
C SER B 109 21.78 24.42 -14.76
N LYS B 110 22.00 24.03 -13.50
CA LYS B 110 23.26 24.35 -12.85
C LYS B 110 24.43 23.61 -13.49
N MET B 111 24.24 22.34 -13.86
CA MET B 111 25.26 21.61 -14.60
C MET B 111 25.55 22.31 -15.93
N LEU B 112 24.50 22.69 -16.65
CA LEU B 112 24.70 23.33 -17.95
C LEU B 112 25.47 24.64 -17.81
N MET B 113 25.09 25.46 -16.83
CA MET B 113 25.77 26.74 -16.66
C MET B 113 27.21 26.55 -16.18
N GLY B 114 27.45 25.57 -15.32
CA GLY B 114 28.82 25.30 -14.89
C GLY B 114 29.70 24.77 -16.00
N ILE B 115 29.11 24.04 -16.95
CA ILE B 115 29.87 23.60 -18.10
C ILE B 115 30.10 24.73 -19.09
N ASN B 116 29.16 25.67 -19.20
CA ASN B 116 29.22 26.67 -20.26
C ASN B 116 29.93 27.96 -19.86
N VAL B 117 29.97 28.31 -18.57
CA VAL B 117 30.61 29.56 -18.17
C VAL B 117 32.02 29.36 -17.62
N THR B 118 32.38 28.14 -17.23
CA THR B 118 33.72 27.90 -16.72
C THR B 118 34.83 28.06 -17.76
N PRO B 119 34.61 27.85 -19.07
CA PRO B 119 35.68 28.12 -20.05
C PRO B 119 36.36 29.48 -19.90
N ILE B 120 35.69 30.48 -19.33
CA ILE B 120 36.35 31.76 -19.08
C ILE B 120 37.51 31.58 -18.11
N ALA B 121 37.24 31.00 -16.94
CA ALA B 121 38.30 30.71 -16.00
C ALA B 121 39.29 29.71 -16.57
N ALA B 122 38.83 28.80 -17.43
CA ALA B 122 39.73 27.88 -18.09
C ALA B 122 40.78 28.63 -18.91
N LEU B 123 40.34 29.54 -19.78
CA LEU B 123 41.27 30.39 -20.51
C LEU B 123 42.15 31.17 -19.56
N LEU B 124 41.57 31.69 -18.48
CA LEU B 124 42.34 32.46 -17.51
C LEU B 124 43.42 31.60 -16.83
N TYR B 125 43.28 30.29 -16.83
CA TYR B 125 44.24 29.41 -16.15
C TYR B 125 44.56 28.19 -17.01
N THR B 126 44.84 28.41 -18.30
CA THR B 126 45.26 27.30 -19.14
C THR B 126 46.73 27.34 -19.57
N PRO B 127 47.32 28.52 -19.94
CA PRO B 127 48.65 28.47 -20.56
C PRO B 127 49.73 28.01 -19.57
N VAL B 128 49.79 28.69 -18.42
CA VAL B 128 50.77 28.32 -17.41
C VAL B 128 50.52 26.89 -16.92
N LEU B 129 49.26 26.47 -16.90
CA LEU B 129 48.95 25.11 -16.43
C LEU B 129 49.40 24.07 -17.45
N ILE B 130 49.20 24.35 -18.73
CA ILE B 130 49.67 23.42 -19.76
C ILE B 130 51.19 23.35 -19.77
N ARG B 131 51.87 24.49 -19.68
CA ARG B 131 53.33 24.46 -19.61
C ARG B 131 53.84 23.87 -18.31
N PHE B 132 53.02 23.83 -17.25
CA PHE B 132 53.40 23.14 -16.02
C PHE B 132 53.29 21.63 -16.21
N PHE B 133 52.10 21.15 -16.54
CA PHE B 133 51.92 19.70 -16.69
C PHE B 133 52.61 19.19 -17.94
N GLY B 134 52.25 19.71 -19.10
CA GLY B 134 52.83 19.30 -20.36
C GLY B 134 51.78 19.22 -21.45
N THR B 135 52.24 18.84 -22.65
CA THR B 135 51.35 18.73 -23.78
C THR B 135 50.47 17.48 -23.68
N LYS B 136 51.08 16.33 -23.40
CA LYS B 136 50.32 15.10 -23.22
C LYS B 136 49.75 14.98 -21.81
N TRP B 137 50.37 15.63 -20.83
CA TRP B 137 49.91 15.50 -19.45
C TRP B 137 48.61 16.27 -19.22
N MET B 138 48.45 17.43 -19.84
CA MET B 138 47.16 18.11 -19.76
C MET B 138 46.10 17.34 -20.54
N MET B 139 46.49 16.71 -21.64
CA MET B 139 45.61 15.78 -22.33
C MET B 139 45.08 14.71 -21.38
N PHE B 140 45.99 14.09 -20.64
CA PHE B 140 45.60 13.02 -19.72
C PHE B 140 44.73 13.54 -18.59
N LEU B 141 45.08 14.70 -18.04
CA LEU B 141 44.30 15.25 -16.93
C LEU B 141 42.90 15.65 -17.40
N ALA B 142 42.77 16.15 -18.63
CA ALA B 142 41.46 16.51 -19.15
C ALA B 142 40.62 15.28 -19.44
N VAL B 143 41.23 14.22 -19.98
CA VAL B 143 40.51 12.96 -20.16
C VAL B 143 40.07 12.43 -18.80
N GLY B 144 40.90 12.61 -17.78
CA GLY B 144 40.52 12.18 -16.45
C GLY B 144 39.38 12.99 -15.87
N ILE B 145 39.34 14.29 -16.17
CA ILE B 145 38.24 15.12 -15.71
C ILE B 145 36.94 14.72 -16.43
N TYR B 146 37.04 14.41 -17.72
CA TYR B 146 35.87 13.89 -18.43
C TYR B 146 35.37 12.59 -17.81
N ALA B 147 36.30 11.68 -17.50
CA ALA B 147 35.93 10.43 -16.84
C ALA B 147 35.35 10.67 -15.45
N LEU B 148 35.82 11.71 -14.76
CA LEU B 148 35.23 12.09 -13.48
C LEU B 148 33.80 12.55 -13.66
N PHE B 149 33.53 13.34 -14.70
CA PHE B 149 32.17 13.76 -14.99
C PHE B 149 31.28 12.56 -15.31
N VAL B 150 31.84 11.57 -15.99
CA VAL B 150 31.07 10.36 -16.26
C VAL B 150 30.83 9.57 -14.96
N SER B 151 31.81 9.55 -14.07
CA SER B 151 31.69 8.76 -12.85
C SER B 151 30.68 9.35 -11.88
N THR B 152 30.70 10.67 -11.70
CA THR B 152 29.77 11.30 -10.77
C THR B 152 28.33 11.34 -11.29
N ASN B 153 27.98 10.59 -12.32
CA ASN B 153 26.61 10.56 -12.82
C ASN B 153 25.77 9.44 -12.21
N TYR B 154 26.40 8.54 -11.45
CA TYR B 154 25.67 7.42 -10.86
C TYR B 154 24.64 7.92 -9.83
N TRP B 155 25.11 8.63 -8.80
CA TRP B 155 24.21 9.09 -7.75
C TRP B 155 23.48 10.36 -8.16
N GLU B 156 24.16 11.25 -8.87
CA GLU B 156 23.57 12.48 -9.37
C GLU B 156 23.02 13.35 -8.25
N ARG B 157 23.91 14.11 -7.59
CA ARG B 157 23.52 15.01 -6.52
C ARG B 157 24.29 16.32 -6.69
N TYR B 158 23.79 17.37 -6.03
CA TYR B 158 24.36 18.71 -6.18
C TYR B 158 25.86 18.72 -5.93
N TYR B 159 26.26 18.37 -4.71
CA TYR B 159 27.66 18.54 -4.30
C TYR B 159 28.61 17.59 -5.01
N THR B 160 28.11 16.62 -5.77
CA THR B 160 28.96 15.71 -6.53
C THR B 160 28.86 15.90 -8.03
N LEU B 161 27.79 16.54 -8.52
CA LEU B 161 27.61 16.76 -9.95
C LEU B 161 27.95 18.18 -10.39
N VAL B 162 27.78 19.17 -9.52
CA VAL B 162 28.09 20.55 -9.87
C VAL B 162 29.61 20.76 -9.92
N PRO B 163 30.40 20.27 -8.94
CA PRO B 163 31.86 20.36 -9.11
C PRO B 163 32.36 19.60 -10.33
N SER B 164 31.72 18.49 -10.70
CA SER B 164 32.09 17.78 -11.92
C SER B 164 31.85 18.65 -13.14
N ALA B 165 30.71 19.36 -13.17
CA ALA B 165 30.43 20.25 -14.29
C ALA B 165 31.42 21.40 -14.34
N VAL B 166 31.82 21.93 -13.18
CA VAL B 166 32.81 23.00 -13.14
C VAL B 166 34.14 22.51 -13.68
N ALA B 167 34.56 21.31 -13.26
CA ALA B 167 35.82 20.76 -13.75
C ALA B 167 35.75 20.48 -15.25
N LEU B 168 34.60 20.03 -15.74
CA LEU B 168 34.44 19.78 -17.17
C LEU B 168 34.54 21.08 -17.96
N GLY B 169 33.88 22.14 -17.47
CA GLY B 169 33.99 23.44 -18.13
C GLY B 169 35.38 24.02 -18.04
N MET B 170 36.15 23.66 -17.01
CA MET B 170 37.52 24.13 -16.89
C MET B 170 38.47 23.34 -17.79
N ALA B 171 38.15 22.08 -18.08
CA ALA B 171 39.05 21.23 -18.85
C ALA B 171 38.66 21.09 -20.32
N ILE B 172 37.48 21.56 -20.73
CA ILE B 172 37.05 21.37 -22.11
C ILE B 172 37.96 22.10 -23.09
N VAL B 173 38.26 23.37 -22.81
CA VAL B 173 39.02 24.21 -23.73
C VAL B 173 40.50 23.81 -23.75
N PRO B 174 41.19 23.70 -22.60
CA PRO B 174 42.61 23.32 -22.68
C PRO B 174 42.82 21.91 -23.21
N LEU B 175 41.84 21.02 -23.05
CA LEU B 175 41.93 19.71 -23.68
C LEU B 175 42.12 19.85 -25.18
N TRP B 176 41.23 20.60 -25.84
CA TRP B 176 41.32 20.76 -27.28
C TRP B 176 42.55 21.56 -27.69
N ALA B 177 42.92 22.56 -26.88
CA ALA B 177 44.12 23.34 -27.18
C ALA B 177 45.36 22.46 -27.19
N SER B 178 45.57 21.69 -26.10
CA SER B 178 46.71 20.80 -26.02
C SER B 178 46.63 19.69 -27.06
N MET B 179 45.41 19.26 -27.42
CA MET B 179 45.27 18.25 -28.47
C MET B 179 45.77 18.78 -29.81
N GLY B 180 45.32 19.97 -30.20
CA GLY B 180 45.79 20.55 -31.44
C GLY B 180 47.29 20.80 -31.44
N ASN B 181 47.81 21.33 -30.32
CA ASN B 181 49.24 21.56 -30.23
C ASN B 181 50.02 20.25 -30.36
N TYR B 182 49.57 19.21 -29.68
CA TYR B 182 50.26 17.92 -29.71
C TYR B 182 50.23 17.31 -31.11
N ILE B 183 49.07 17.32 -31.75
CA ILE B 183 48.96 16.71 -33.08
C ILE B 183 49.76 17.50 -34.10
N THR B 184 49.80 18.83 -33.99
CA THR B 184 50.54 19.63 -34.95
C THR B 184 52.04 19.48 -34.73
N ARG B 185 52.49 19.45 -33.47
CA ARG B 185 53.90 19.23 -33.18
C ARG B 185 54.35 17.84 -33.60
N MET B 186 53.47 16.83 -33.48
CA MET B 186 53.85 15.50 -33.92
C MET B 186 53.89 15.40 -35.43
N SER B 187 53.00 16.12 -36.13
CA SER B 187 53.11 16.21 -37.58
C SER B 187 54.41 16.87 -37.99
N GLN B 188 54.79 17.93 -37.28
CA GLN B 188 56.06 18.61 -37.56
C GLN B 188 57.24 17.68 -37.31
N LYS B 189 57.18 16.87 -36.25
CA LYS B 189 58.25 15.93 -35.96
C LYS B 189 58.33 14.84 -37.03
N TYR B 190 57.17 14.34 -37.47
CA TYR B 190 57.13 13.39 -38.58
C TYR B 190 57.79 13.96 -39.82
N TYR B 191 57.44 15.19 -40.17
CA TYR B 191 58.01 15.82 -41.36
C TYR B 191 59.51 16.03 -41.21
N GLU B 192 59.95 16.46 -40.03
CA GLU B 192 61.38 16.70 -39.82
C GLU B 192 62.17 15.40 -39.84
N TYR B 193 61.59 14.31 -39.34
CA TYR B 193 62.27 13.02 -39.44
C TYR B 193 62.33 12.54 -40.89
N SER B 194 61.25 12.72 -41.64
CA SER B 194 61.25 12.33 -43.04
C SER B 194 62.30 13.11 -43.83
N HIS B 195 62.42 14.41 -43.59
CA HIS B 195 63.37 15.22 -44.32
C HIS B 195 64.80 15.12 -43.78
N TYR B 196 64.98 14.60 -42.56
CA TYR B 196 66.32 14.25 -42.10
C TYR B 196 66.77 12.93 -42.70
N LYS B 197 65.83 11.99 -42.90
CA LYS B 197 66.17 10.76 -43.60
C LYS B 197 66.48 11.01 -45.07
N GLU B 198 65.59 11.72 -45.77
CA GLU B 198 65.77 11.92 -47.20
C GLU B 198 66.88 12.93 -47.48
N GLN B 199 67.10 13.89 -46.59
CA GLN B 199 68.13 14.92 -46.76
C GLN B 199 68.98 14.97 -45.50
N ASP B 200 70.13 14.30 -45.53
CA ASP B 200 71.01 14.27 -44.36
C ASP B 200 71.73 15.60 -44.19
N GLU B 201 72.51 16.00 -45.19
CA GLU B 201 73.28 17.24 -45.13
C GLU B 201 72.58 18.41 -45.82
N GLN B 202 71.68 18.15 -46.76
CA GLN B 202 70.98 19.23 -47.43
C GLN B 202 70.00 19.93 -46.50
N GLY B 203 69.46 19.22 -45.52
CA GLY B 203 68.59 19.81 -44.53
C GLY B 203 69.36 20.56 -43.47
N PRO B 204 69.00 21.82 -43.24
CA PRO B 204 69.71 22.62 -42.24
C PRO B 204 69.46 22.12 -40.83
N GLN B 205 70.44 22.39 -39.96
CA GLN B 205 70.32 21.96 -38.57
C GLN B 205 69.29 22.82 -37.83
N GLN B 206 69.19 24.09 -38.17
CA GLN B 206 68.19 25.00 -37.62
C GLN B 206 67.13 25.29 -38.66
N ARG B 207 65.86 25.31 -38.23
CA ARG B 207 64.70 25.56 -39.09
C ARG B 207 64.69 24.58 -40.26
N PRO B 208 64.24 23.35 -40.06
CA PRO B 208 64.09 22.42 -41.20
C PRO B 208 62.96 22.82 -42.13
N PRO B 209 61.69 22.95 -41.65
CA PRO B 209 60.56 22.92 -42.59
C PRO B 209 60.43 24.15 -43.48
N ARG B 210 60.33 25.33 -42.88
CA ARG B 210 60.06 26.58 -43.60
C ARG B 210 58.75 26.46 -44.39
N GLY B 211 57.66 26.27 -43.65
CA GLY B 211 56.33 26.26 -44.23
C GLY B 211 56.11 25.19 -45.28
N SER B 212 56.65 23.99 -45.08
CA SER B 212 56.52 22.91 -46.06
C SER B 212 56.01 21.62 -45.45
N HIS B 213 55.49 21.67 -44.22
CA HIS B 213 54.96 20.50 -43.54
C HIS B 213 53.47 20.30 -43.80
N ALA B 214 52.95 20.88 -44.89
CA ALA B 214 51.51 20.76 -45.17
C ALA B 214 51.12 19.36 -45.65
N PRO B 215 51.86 18.71 -46.57
CA PRO B 215 51.44 17.36 -46.99
C PRO B 215 51.43 16.35 -45.87
N TYR B 216 52.23 16.53 -44.83
CA TYR B 216 52.26 15.60 -43.71
C TYR B 216 51.31 16.00 -42.59
N LEU B 217 50.83 17.25 -42.57
CA LEU B 217 49.86 17.69 -41.58
C LEU B 217 48.43 17.48 -42.05
N LEU B 218 48.19 17.63 -43.36
CA LEU B 218 46.86 17.40 -43.90
C LEU B 218 46.40 15.97 -43.65
N VAL B 219 47.25 14.99 -43.98
CA VAL B 219 46.87 13.59 -43.84
C VAL B 219 46.71 13.19 -42.37
N PHE B 220 47.34 13.91 -41.45
CA PHE B 220 47.17 13.62 -40.03
C PHE B 220 45.87 14.22 -39.51
N GLN B 221 45.67 15.51 -39.76
CA GLN B 221 44.47 16.18 -39.24
C GLN B 221 43.21 15.63 -39.89
N ALA B 222 43.29 15.15 -41.13
CA ALA B 222 42.12 14.58 -41.78
C ALA B 222 41.63 13.35 -41.04
N ILE B 223 42.53 12.40 -40.76
CA ILE B 223 42.13 11.20 -40.04
C ILE B 223 41.73 11.54 -38.61
N PHE B 224 42.41 12.53 -38.01
CA PHE B 224 42.05 12.92 -36.64
C PHE B 224 40.63 13.46 -36.58
N TYR B 225 40.26 14.32 -37.52
CA TYR B 225 38.91 14.90 -37.51
C TYR B 225 37.86 13.88 -37.97
N SER B 226 38.23 12.95 -38.85
CA SER B 226 37.30 11.89 -39.20
C SER B 226 36.97 11.03 -37.98
N PHE B 227 37.98 10.72 -37.16
CA PHE B 227 37.70 9.96 -35.94
C PHE B 227 36.92 10.79 -34.93
N PHE B 228 37.25 12.08 -34.81
CA PHE B 228 36.50 12.96 -33.91
C PHE B 228 35.03 13.05 -34.32
N HIS B 229 34.75 12.97 -35.61
CA HIS B 229 33.36 13.03 -36.08
C HIS B 229 32.67 11.68 -35.99
N LEU B 230 33.42 10.59 -36.19
CA LEU B 230 32.88 9.26 -35.94
C LEU B 230 32.53 9.07 -34.46
N SER B 231 33.19 9.84 -33.59
CA SER B 231 32.79 9.88 -32.18
C SER B 231 31.33 10.28 -32.02
N PHE B 232 30.83 11.17 -32.89
CA PHE B 232 29.45 11.59 -32.80
C PHE B 232 28.49 10.44 -33.05
N ALA B 233 28.84 9.55 -33.99
CA ALA B 233 28.03 8.36 -34.23
C ALA B 233 28.21 7.32 -33.13
N CYS B 234 29.43 7.20 -32.60
CA CYS B 234 29.66 6.27 -31.50
C CYS B 234 28.90 6.67 -30.24
N ALA B 235 28.67 7.98 -30.06
CA ALA B 235 27.90 8.46 -28.93
C ALA B 235 26.46 8.00 -28.95
N GLN B 236 25.94 7.61 -30.12
CA GLN B 236 24.55 7.19 -30.26
C GLN B 236 24.34 5.72 -29.94
N LEU B 237 25.36 5.04 -29.38
CA LEU B 237 25.22 3.62 -29.08
C LEU B 237 24.28 3.36 -27.90
N PRO B 238 24.40 4.06 -26.76
CA PRO B 238 23.45 3.77 -25.66
C PRO B 238 22.01 4.11 -25.99
N MET B 239 21.77 5.13 -26.82
CA MET B 239 20.40 5.48 -27.18
C MET B 239 19.76 4.43 -28.08
N ILE B 240 20.50 3.94 -29.08
CA ILE B 240 19.93 3.00 -30.03
C ILE B 240 19.67 1.65 -29.37
N TYR B 241 20.59 1.20 -28.53
CA TYR B 241 20.50 -0.15 -27.97
C TYR B 241 19.68 -0.21 -26.69
N PHE B 242 19.53 0.90 -25.97
CA PHE B 242 18.86 0.85 -24.68
C PHE B 242 17.72 1.85 -24.54
N LEU B 243 17.86 3.04 -25.11
CA LEU B 243 16.87 4.11 -24.89
C LEU B 243 15.85 4.24 -26.00
N ASN B 244 16.13 3.75 -27.20
CA ASN B 244 15.20 3.91 -28.31
C ASN B 244 13.96 3.03 -28.18
N ASN B 245 14.00 1.99 -27.35
CA ASN B 245 12.88 1.08 -27.17
C ASN B 245 12.09 1.34 -25.91
N TYR B 246 12.28 2.49 -25.26
CA TYR B 246 11.58 2.81 -24.03
C TYR B 246 10.64 4.01 -24.16
N LEU B 247 10.67 4.72 -25.28
CA LEU B 247 9.77 5.83 -25.53
C LEU B 247 8.73 5.44 -26.58
N TYR B 248 7.53 6.01 -26.43
CA TYR B 248 6.42 5.66 -27.32
C TYR B 248 6.54 6.42 -28.64
N ASP B 249 5.52 6.30 -29.49
CA ASP B 249 5.57 6.87 -30.82
C ASP B 249 5.44 8.40 -30.77
N LEU B 250 5.57 9.02 -31.94
CA LEU B 250 5.45 10.46 -32.08
C LEU B 250 4.01 10.95 -32.06
N ASN B 251 3.04 10.03 -32.02
CA ASN B 251 1.63 10.43 -32.03
C ASN B 251 1.18 11.02 -30.69
N HIS B 252 1.98 10.85 -29.63
CA HIS B 252 1.63 11.36 -28.32
C HIS B 252 2.63 12.37 -27.77
N THR B 253 3.91 12.23 -28.08
CA THR B 253 4.93 13.17 -27.61
C THR B 253 5.05 14.39 -28.51
N LEU B 254 4.29 14.45 -29.60
CA LEU B 254 4.38 15.56 -30.56
C LEU B 254 3.00 16.15 -30.80
N ILE B 255 2.15 16.12 -29.77
CA ILE B 255 0.77 16.59 -29.92
C ILE B 255 0.71 18.11 -29.92
N ASN B 256 1.23 18.74 -28.86
CA ASN B 256 1.15 20.18 -28.70
C ASN B 256 2.15 20.94 -29.58
N VAL B 257 2.31 20.52 -30.83
CA VAL B 257 3.23 21.19 -31.76
C VAL B 257 2.42 21.82 -32.89
N GLN B 258 2.10 23.10 -32.75
CA GLN B 258 1.34 23.81 -33.77
C GLN B 258 2.23 24.57 -34.75
N SER B 259 3.48 24.87 -34.37
CA SER B 259 4.39 25.61 -35.23
C SER B 259 5.80 25.08 -35.01
N CYS B 260 6.43 24.61 -36.08
CA CYS B 260 7.80 24.11 -36.02
C CYS B 260 8.53 24.58 -37.27
N GLY B 261 9.77 24.15 -37.42
CA GLY B 261 10.59 24.57 -38.55
C GLY B 261 11.07 26.00 -38.41
N THR B 262 10.70 26.86 -39.37
CA THR B 262 11.10 28.26 -39.29
C THR B 262 10.38 29.01 -38.18
N LYS B 263 9.24 28.51 -37.72
CA LYS B 263 8.51 29.11 -36.61
C LYS B 263 8.71 28.26 -35.35
N SER B 264 9.87 28.45 -34.72
CA SER B 264 10.25 27.70 -33.54
C SER B 264 9.97 28.47 -32.26
N GLN B 265 10.41 29.73 -32.20
CA GLN B 265 10.30 30.55 -30.99
C GLN B 265 10.93 29.87 -29.79
N GLY B 266 12.10 29.26 -30.01
CA GLY B 266 12.79 28.55 -28.95
C GLY B 266 13.30 27.19 -29.39
N ILE B 267 14.05 26.52 -28.51
CA ILE B 267 14.56 25.20 -28.83
C ILE B 267 13.42 24.18 -28.87
N LEU B 268 12.56 24.18 -27.84
CA LEU B 268 11.39 23.31 -27.77
C LEU B 268 10.25 24.11 -27.18
N ASN B 269 9.44 24.72 -28.05
CA ASN B 269 8.30 25.50 -27.58
C ASN B 269 7.09 24.61 -27.32
N GLY B 270 6.88 23.61 -28.19
CA GLY B 270 5.77 22.69 -28.06
C GLY B 270 6.28 21.25 -27.95
N PHE B 271 5.89 20.60 -26.86
CA PHE B 271 6.29 19.22 -26.61
C PHE B 271 5.46 18.68 -25.45
N ASN B 272 5.32 17.36 -25.42
CA ASN B 272 4.58 16.74 -24.34
C ASN B 272 5.39 16.75 -23.05
N LYS B 273 4.68 16.58 -21.93
CA LYS B 273 5.35 16.61 -20.63
C LYS B 273 6.22 15.37 -20.42
N THR B 274 5.70 14.20 -20.76
CA THR B 274 6.44 12.95 -20.62
C THR B 274 6.65 12.31 -21.99
N VAL B 275 7.74 11.56 -22.11
CA VAL B 275 8.05 10.88 -23.38
C VAL B 275 8.33 9.39 -23.21
N LEU B 276 8.52 8.88 -21.99
CA LEU B 276 8.79 7.47 -21.78
C LEU B 276 7.48 6.72 -21.57
N ARG B 277 7.26 5.67 -22.37
CA ARG B 277 6.06 4.85 -22.20
C ARG B 277 6.15 3.99 -20.95
N THR B 278 7.36 3.64 -20.51
CA THR B 278 7.55 2.78 -19.36
C THR B 278 8.82 3.20 -18.62
N LEU B 279 8.87 2.87 -17.34
CA LEU B 279 10.04 3.21 -16.54
C LEU B 279 11.21 2.31 -16.90
N PRO B 280 12.40 2.86 -17.12
CA PRO B 280 13.55 2.01 -17.47
C PRO B 280 14.05 1.24 -16.25
N ARG B 281 14.28 -0.06 -16.45
CA ARG B 281 14.82 -0.89 -15.37
C ARG B 281 16.21 -0.41 -14.99
N SER B 282 16.46 -0.33 -13.68
CA SER B 282 17.74 0.17 -13.19
C SER B 282 18.89 -0.76 -13.55
N LYS B 283 18.62 -2.04 -13.77
CA LYS B 283 19.68 -2.97 -14.12
C LYS B 283 20.27 -2.66 -15.49
N ASN B 284 19.40 -2.42 -16.49
CA ASN B 284 19.89 -2.05 -17.80
C ASN B 284 20.63 -0.72 -17.77
N LEU B 285 20.12 0.23 -16.97
CA LEU B 285 20.78 1.53 -16.83
C LEU B 285 22.18 1.38 -16.25
N ILE B 286 22.31 0.60 -15.17
CA ILE B 286 23.63 0.43 -14.57
C ILE B 286 24.54 -0.38 -15.49
N VAL B 287 23.96 -1.28 -16.30
CA VAL B 287 24.75 -2.04 -17.26
C VAL B 287 25.34 -1.11 -18.31
N VAL B 288 24.50 -0.25 -18.90
CA VAL B 288 24.99 0.63 -19.97
C VAL B 288 25.97 1.66 -19.41
N GLU B 289 25.72 2.17 -18.20
CA GLU B 289 26.65 3.13 -17.63
C GLU B 289 27.96 2.46 -17.21
N SER B 290 27.92 1.20 -16.78
CA SER B 290 29.16 0.49 -16.48
C SER B 290 29.95 0.21 -17.75
N VAL B 291 29.25 -0.10 -18.85
CA VAL B 291 29.95 -0.26 -20.14
C VAL B 291 30.58 1.05 -20.57
N LEU B 292 29.88 2.17 -20.34
CA LEU B 292 30.44 3.48 -20.67
C LEU B 292 31.69 3.76 -19.85
N MET B 293 31.63 3.51 -18.54
CA MET B 293 32.80 3.72 -17.70
C MET B 293 33.95 2.80 -18.10
N ALA B 294 33.63 1.56 -18.49
CA ALA B 294 34.67 0.61 -18.89
C ALA B 294 35.36 1.06 -20.17
N VAL B 295 34.59 1.52 -21.16
CA VAL B 295 35.21 1.97 -22.41
C VAL B 295 35.95 3.29 -22.18
N ALA B 296 35.47 4.13 -21.25
CA ALA B 296 36.21 5.34 -20.93
C ALA B 296 37.54 5.03 -20.27
N PHE B 297 37.56 4.06 -19.34
CA PHE B 297 38.82 3.67 -18.72
C PHE B 297 39.74 2.98 -19.73
N LEU B 298 39.16 2.25 -20.68
CA LEU B 298 39.97 1.66 -21.73
C LEU B 298 40.62 2.72 -22.60
N ALA B 299 39.88 3.77 -22.95
CA ALA B 299 40.46 4.90 -23.67
C ALA B 299 41.55 5.57 -22.84
N MET B 300 41.30 5.77 -21.55
CA MET B 300 42.30 6.29 -20.64
C MET B 300 43.60 5.49 -20.73
N LEU B 301 43.49 4.17 -20.55
CA LEU B 301 44.68 3.33 -20.49
C LEU B 301 45.39 3.26 -21.83
N MET B 302 44.64 3.19 -22.94
CA MET B 302 45.29 3.11 -24.24
C MET B 302 45.98 4.43 -24.58
N VAL B 303 45.39 5.56 -24.19
CA VAL B 303 46.05 6.85 -24.37
C VAL B 303 47.35 6.88 -23.57
N LEU B 304 47.27 6.51 -22.29
CA LEU B 304 48.46 6.54 -21.43
C LEU B 304 49.56 5.64 -21.99
N GLY B 305 49.18 4.49 -22.53
CA GLY B 305 50.15 3.52 -22.99
C GLY B 305 50.71 3.75 -24.38
N LEU B 306 49.92 4.32 -25.28
CA LEU B 306 50.32 4.50 -26.67
C LEU B 306 50.55 5.95 -27.05
N CYS B 307 50.51 6.88 -26.09
CA CYS B 307 50.88 8.26 -26.38
C CYS B 307 52.37 8.51 -26.17
N GLY B 308 53.03 7.69 -25.37
CA GLY B 308 54.47 7.85 -25.16
C GLY B 308 54.78 9.14 -24.44
N ALA B 309 55.74 9.88 -24.99
CA ALA B 309 56.14 11.17 -24.41
C ALA B 309 56.66 12.06 -25.52
N ALA B 310 56.04 13.23 -25.68
CA ALA B 310 56.39 14.17 -26.73
C ALA B 310 56.64 15.57 -26.15
N TYR B 311 57.21 15.63 -24.95
CA TYR B 311 57.49 16.92 -24.31
C TYR B 311 58.96 17.32 -24.43
N ARG B 312 59.88 16.36 -24.55
CA ARG B 312 61.29 16.62 -24.80
C ARG B 312 61.90 17.48 -23.68
N PRO B 313 62.43 16.86 -22.61
CA PRO B 313 62.92 17.62 -21.46
C PRO B 313 63.79 18.83 -21.79
N THR B 314 64.57 18.73 -22.87
CA THR B 314 65.37 19.88 -23.30
C THR B 314 64.48 21.06 -23.67
N GLU B 315 63.49 20.82 -24.54
CA GLU B 315 62.55 21.87 -24.89
C GLU B 315 61.66 22.26 -23.72
N GLU B 316 61.46 21.35 -22.76
CA GLU B 316 60.71 21.68 -21.55
C GLU B 316 61.46 22.73 -20.74
N ILE B 317 62.77 22.53 -20.54
CA ILE B 317 63.59 23.53 -19.87
C ILE B 317 63.65 24.81 -20.71
N ASP B 318 63.69 24.68 -22.03
CA ASP B 318 63.68 25.85 -22.90
C ASP B 318 62.43 26.69 -22.68
N LEU B 319 61.26 26.04 -22.59
CA LEU B 319 60.02 26.76 -22.36
C LEU B 319 59.93 27.29 -20.94
N ARG B 320 60.50 26.58 -19.97
CA ARG B 320 60.54 27.08 -18.60
C ARG B 320 61.43 28.32 -18.48
N SER B 321 62.43 28.43 -19.35
CA SER B 321 63.33 29.58 -19.34
C SER B 321 62.63 30.88 -19.71
N VAL B 322 61.39 30.78 -20.18
CA VAL B 322 60.63 31.97 -20.52
C VAL B 322 60.18 32.71 -19.26
N GLY B 323 59.74 31.96 -18.24
CA GLY B 323 59.31 32.54 -16.98
C GLY B 323 57.82 32.34 -16.75
N TRP B 324 57.41 32.67 -15.53
CA TRP B 324 56.02 32.54 -15.12
C TRP B 324 55.28 33.87 -15.08
N GLY B 325 55.99 35.00 -15.01
CA GLY B 325 55.33 36.29 -14.96
C GLY B 325 54.97 36.86 -16.31
N ASN B 326 55.71 36.52 -17.35
CA ASN B 326 55.44 37.04 -18.69
C ASN B 326 54.53 36.14 -19.52
N ILE B 327 54.45 34.85 -19.18
CA ILE B 327 53.60 33.93 -19.92
C ILE B 327 52.12 34.22 -19.69
N PHE B 328 51.77 34.86 -18.57
CA PHE B 328 50.38 35.18 -18.30
C PHE B 328 49.84 36.29 -19.20
N GLN B 329 50.71 37.21 -19.62
CA GLN B 329 50.31 38.35 -20.43
C GLN B 329 50.53 38.15 -21.92
N LEU B 330 51.37 37.19 -22.30
CA LEU B 330 51.69 37.00 -23.72
C LEU B 330 50.48 36.65 -24.57
N PRO B 331 49.59 35.72 -24.17
CA PRO B 331 48.39 35.48 -25.00
C PRO B 331 47.48 36.69 -25.10
N PHE B 332 47.41 37.51 -24.06
CA PHE B 332 46.62 38.75 -24.14
C PHE B 332 47.36 39.82 -24.93
N LYS B 333 48.70 39.83 -24.89
CA LYS B 333 49.46 40.78 -25.68
C LYS B 333 49.45 40.42 -27.16
N HIS B 334 49.19 39.16 -27.50
CA HIS B 334 49.10 38.71 -28.89
C HIS B 334 47.87 39.25 -29.64
N VAL B 335 47.12 40.20 -29.05
CA VAL B 335 45.96 40.75 -29.76
C VAL B 335 46.40 41.58 -30.95
N ARG B 336 47.62 42.13 -30.91
CA ARG B 336 48.13 42.97 -31.99
C ARG B 336 48.45 42.20 -33.26
N ASP B 337 48.19 40.89 -33.29
CA ASP B 337 48.45 40.10 -34.50
C ASP B 337 47.47 40.48 -35.60
N PHE B 338 47.96 40.46 -36.84
CA PHE B 338 47.14 40.83 -37.99
C PHE B 338 46.16 39.73 -38.38
N ARG B 339 46.48 38.47 -38.08
CA ARG B 339 45.65 37.34 -38.49
C ARG B 339 44.51 37.07 -37.53
N LEU B 340 44.75 37.23 -36.23
CA LEU B 340 43.74 36.89 -35.22
C LEU B 340 42.54 37.83 -35.31
N ARG B 341 42.77 39.11 -35.59
CA ARG B 341 41.68 40.08 -35.65
C ARG B 341 40.64 39.73 -36.71
N HIS B 342 41.04 39.01 -37.76
CA HIS B 342 40.11 38.56 -38.78
C HIS B 342 39.73 37.09 -38.64
N LEU B 343 40.52 36.30 -37.93
CA LEU B 343 40.21 34.89 -37.72
C LEU B 343 39.30 34.63 -36.52
N VAL B 344 39.14 35.63 -35.63
CA VAL B 344 38.22 35.47 -34.51
C VAL B 344 36.79 35.27 -34.97
N PRO B 345 36.24 36.05 -35.91
CA PRO B 345 34.89 35.74 -36.41
C PRO B 345 34.80 34.35 -37.04
N PHE B 346 35.88 33.85 -37.62
CA PHE B 346 35.87 32.49 -38.14
C PHE B 346 35.69 31.47 -37.03
N PHE B 347 36.36 31.68 -35.88
CA PHE B 347 36.17 30.80 -34.74
C PHE B 347 34.76 30.91 -34.19
N ILE B 348 34.23 32.13 -34.11
CA ILE B 348 32.86 32.31 -33.65
C ILE B 348 31.88 31.57 -34.56
N TYR B 349 32.07 31.65 -35.87
CA TYR B 349 31.20 30.97 -36.81
C TYR B 349 31.35 29.45 -36.70
N SER B 350 32.58 28.96 -36.49
CA SER B 350 32.79 27.53 -36.30
C SER B 350 32.02 27.02 -35.08
N GLY B 351 32.13 27.74 -33.96
CA GLY B 351 31.39 27.36 -32.76
C GLY B 351 29.89 27.44 -32.96
N PHE B 352 29.43 28.51 -33.59
CA PHE B 352 27.99 28.67 -33.84
C PHE B 352 27.45 27.51 -34.67
N GLU B 353 28.15 27.17 -35.76
CA GLU B 353 27.66 26.11 -36.64
C GLU B 353 27.77 24.73 -36.00
N VAL B 354 28.80 24.50 -35.18
CA VAL B 354 28.91 23.19 -34.53
C VAL B 354 27.82 23.03 -33.48
N LEU B 355 27.48 24.12 -32.77
CA LEU B 355 26.38 24.01 -31.79
C LEU B 355 25.02 23.96 -32.49
N PHE B 356 24.91 24.56 -33.68
CA PHE B 356 23.68 24.42 -34.45
C PHE B 356 23.50 22.99 -34.95
N ALA B 357 24.60 22.35 -35.36
CA ALA B 357 24.55 20.95 -35.75
C ALA B 357 24.24 20.06 -34.55
N CYS B 358 24.74 20.43 -33.36
CA CYS B 358 24.50 19.61 -32.17
C CYS B 358 23.05 19.72 -31.71
N THR B 359 22.56 20.95 -31.50
CA THR B 359 21.24 21.16 -30.92
C THR B 359 20.28 21.87 -31.86
N GLY B 360 20.74 22.84 -32.64
CA GLY B 360 19.84 23.63 -33.46
C GLY B 360 19.16 22.83 -34.55
N PHE B 361 19.78 21.75 -35.00
CA PHE B 361 19.22 20.90 -36.05
C PHE B 361 18.46 19.71 -35.49
N ALA B 362 19.04 19.00 -34.52
CA ALA B 362 18.40 17.81 -33.98
C ALA B 362 17.14 18.16 -33.20
N LEU B 363 17.15 19.27 -32.46
CA LEU B 363 16.02 19.69 -31.66
C LEU B 363 15.18 20.78 -32.32
N GLY B 364 15.60 21.27 -33.48
CA GLY B 364 14.87 22.33 -34.15
C GLY B 364 14.12 21.88 -35.39
N TYR B 365 14.72 20.99 -36.17
CA TYR B 365 14.12 20.51 -37.41
C TYR B 365 13.85 19.02 -37.42
N GLY B 366 14.76 18.21 -36.89
CA GLY B 366 14.55 16.77 -36.87
C GLY B 366 13.43 16.34 -35.95
N VAL B 367 13.08 17.19 -34.97
CA VAL B 367 11.99 16.87 -34.04
C VAL B 367 10.63 17.24 -34.60
N CYS B 368 10.57 17.86 -35.77
CA CYS B 368 9.31 18.30 -36.36
C CYS B 368 8.40 17.12 -36.68
N SER B 369 8.70 16.39 -37.74
CA SER B 369 7.87 15.25 -38.15
C SER B 369 7.98 14.12 -37.15
N MET B 370 9.12 13.44 -37.13
CA MET B 370 9.36 12.33 -36.21
C MET B 370 9.83 12.86 -34.87
N GLY B 371 9.61 12.04 -33.84
CA GLY B 371 10.04 12.38 -32.50
C GLY B 371 11.48 12.02 -32.22
N LEU B 372 11.74 11.44 -31.05
CA LEU B 372 13.09 11.06 -30.66
C LEU B 372 13.50 9.68 -31.15
N GLU B 373 12.71 9.04 -32.03
CA GLU B 373 13.08 7.73 -32.53
C GLU B 373 14.09 7.79 -33.67
N ARG B 374 14.06 8.85 -34.47
CA ARG B 374 14.96 8.99 -35.60
C ARG B 374 15.95 10.14 -35.42
N LEU B 375 16.09 10.66 -34.20
CA LEU B 375 17.05 11.72 -33.97
C LEU B 375 18.48 11.17 -33.92
N ALA B 376 18.66 10.01 -33.27
CA ALA B 376 19.97 9.37 -33.29
C ALA B 376 20.38 8.95 -34.69
N TYR B 377 19.42 8.59 -35.53
CA TYR B 377 19.72 8.27 -36.93
C TYR B 377 20.22 9.51 -37.67
N LEU B 378 19.57 10.66 -37.45
CA LEU B 378 20.06 11.90 -38.04
C LEU B 378 21.46 12.24 -37.54
N LEU B 379 21.72 11.99 -36.25
CA LEU B 379 23.03 12.28 -35.69
C LEU B 379 24.11 11.40 -36.31
N ILE B 380 23.84 10.09 -36.45
CA ILE B 380 24.86 9.21 -37.04
C ILE B 380 25.02 9.50 -38.52
N ALA B 381 23.96 9.94 -39.21
CA ALA B 381 24.10 10.33 -40.60
C ALA B 381 24.98 11.57 -40.74
N TYR B 382 24.76 12.56 -39.86
CA TYR B 382 25.63 13.73 -39.84
C TYR B 382 27.09 13.33 -39.56
N SER B 383 27.28 12.38 -38.64
CA SER B 383 28.63 11.93 -38.32
C SER B 383 29.31 11.25 -39.52
N LEU B 384 28.57 10.38 -40.22
CA LEU B 384 29.13 9.73 -41.40
C LEU B 384 29.42 10.74 -42.51
N GLY B 385 28.55 11.75 -42.67
CA GLY B 385 28.83 12.79 -43.63
C GLY B 385 30.10 13.57 -43.32
N ALA B 386 30.29 13.90 -42.03
CA ALA B 386 31.51 14.58 -41.63
C ALA B 386 32.73 13.70 -41.83
N SER B 387 32.62 12.40 -41.52
CA SER B 387 33.74 11.49 -41.72
C SER B 387 34.10 11.34 -43.19
N ALA B 388 33.09 11.37 -44.08
CA ALA B 388 33.37 11.31 -45.50
C ALA B 388 34.01 12.59 -46.00
N SER B 389 33.50 13.75 -45.54
CA SER B 389 34.10 15.01 -45.94
C SER B 389 35.52 15.17 -45.40
N SER B 390 35.86 14.47 -44.33
CA SER B 390 37.25 14.49 -43.85
C SER B 390 38.21 14.04 -44.96
N VAL B 391 37.95 12.86 -45.54
CA VAL B 391 38.83 12.39 -46.62
C VAL B 391 38.57 13.17 -47.90
N LEU B 392 37.36 13.70 -48.09
CA LEU B 392 37.11 14.56 -49.25
C LEU B 392 38.02 15.78 -49.22
N GLY B 393 38.22 16.38 -48.04
CA GLY B 393 39.13 17.49 -47.91
C GLY B 393 40.59 17.07 -47.88
N LEU B 394 40.87 15.87 -47.36
CA LEU B 394 42.21 15.31 -47.48
C LEU B 394 42.64 15.23 -48.93
N LEU B 395 41.71 14.83 -49.82
CA LEU B 395 41.99 14.80 -51.24
C LEU B 395 42.26 16.18 -51.82
N GLY B 396 41.99 17.25 -51.08
CA GLY B 396 42.23 18.60 -51.57
C GLY B 396 43.62 19.13 -51.20
N LEU B 397 44.64 18.33 -51.47
CA LEU B 397 46.02 18.72 -51.16
C LEU B 397 46.67 19.47 -52.32
N TRP B 398 46.36 19.07 -53.56
CA TRP B 398 46.97 19.72 -54.72
C TRP B 398 46.52 21.16 -54.87
N LEU B 399 45.25 21.44 -54.54
CA LEU B 399 44.76 22.80 -54.57
C LEU B 399 45.40 23.63 -53.46
N PRO B 400 45.48 24.96 -53.63
CA PRO B 400 46.08 25.80 -52.59
C PRO B 400 45.28 25.80 -51.30
N ARG B 401 45.72 26.60 -50.33
CA ARG B 401 45.18 26.58 -48.97
C ARG B 401 43.72 27.01 -48.90
N SER B 402 43.47 28.31 -49.07
CA SER B 402 42.13 28.88 -48.86
C SER B 402 41.26 28.70 -50.10
N VAL B 403 41.09 27.45 -50.50
CA VAL B 403 40.19 27.10 -51.61
C VAL B 403 38.88 26.53 -51.09
N PRO B 404 38.89 25.44 -50.28
CA PRO B 404 37.60 24.86 -49.86
C PRO B 404 36.95 25.61 -48.72
N LEU B 405 37.77 26.27 -47.89
CA LEU B 405 37.34 26.94 -46.67
C LEU B 405 36.05 27.74 -46.87
N VAL B 406 36.16 28.86 -47.57
CA VAL B 406 34.99 29.68 -47.85
C VAL B 406 33.93 28.88 -48.59
N ALA B 407 34.36 28.02 -49.51
CA ALA B 407 33.43 27.13 -50.20
C ALA B 407 32.59 26.35 -49.20
N GLY B 408 33.24 25.76 -48.19
CA GLY B 408 32.50 25.10 -47.13
C GLY B 408 31.48 26.02 -46.50
N ALA B 409 31.91 27.23 -46.13
CA ALA B 409 30.97 28.24 -45.62
C ALA B 409 29.88 28.49 -46.64
N GLY B 410 30.25 28.63 -47.91
CA GLY B 410 29.26 28.79 -48.96
C GLY B 410 28.22 27.69 -48.93
N LEU B 411 28.66 26.45 -48.69
CA LEU B 411 27.73 25.34 -48.52
C LEU B 411 26.68 25.68 -47.47
N HIS B 412 27.14 26.04 -46.27
CA HIS B 412 26.22 26.49 -45.22
C HIS B 412 25.28 27.55 -45.76
N LEU B 413 25.84 28.54 -46.48
CA LEU B 413 25.02 29.57 -47.10
C LEU B 413 23.87 28.95 -47.87
N LEU B 414 24.18 28.07 -48.81
CA LEU B 414 23.14 27.37 -49.55
C LEU B 414 22.19 26.67 -48.59
N LEU B 415 22.74 25.89 -47.65
CA LEU B 415 21.91 25.23 -46.64
C LEU B 415 21.07 26.25 -45.89
N THR B 416 21.68 27.39 -45.54
CA THR B 416 20.94 28.42 -44.81
C THR B 416 19.70 28.84 -45.60
N LEU B 417 19.81 28.94 -46.92
CA LEU B 417 18.65 29.24 -47.74
C LEU B 417 17.55 28.21 -47.52
N SER B 418 17.90 26.92 -47.62
CA SER B 418 16.92 25.88 -47.35
C SER B 418 16.46 25.89 -45.90
N LEU B 419 17.24 26.48 -45.01
CA LEU B 419 16.86 26.62 -43.61
C LEU B 419 16.12 27.92 -43.32
N PHE B 420 15.81 28.72 -44.35
CA PHE B 420 15.10 29.97 -44.14
C PHE B 420 13.69 29.97 -44.70
N PHE B 421 13.49 29.42 -45.91
CA PHE B 421 12.19 29.46 -46.56
C PHE B 421 11.39 28.18 -46.30
N TRP B 422 12.02 27.02 -46.46
CA TRP B 422 11.31 25.76 -46.31
C TRP B 422 11.01 25.47 -44.84
N ALA B 423 9.78 25.06 -44.57
CA ALA B 423 9.35 24.72 -43.21
C ALA B 423 8.61 23.39 -43.25
N PRO B 424 9.11 22.35 -42.60
CA PRO B 424 8.44 21.05 -42.64
C PRO B 424 7.23 21.02 -41.71
N ALA B 425 6.23 20.23 -42.12
CA ALA B 425 5.03 20.07 -41.31
C ALA B 425 5.28 19.04 -40.21
N PRO B 426 4.82 19.30 -38.99
CA PRO B 426 5.09 18.37 -37.88
C PRO B 426 4.25 17.12 -37.92
N ARG B 427 2.97 17.24 -38.28
CA ARG B 427 2.05 16.10 -38.27
C ARG B 427 1.97 15.41 -39.62
N VAL B 428 3.13 15.01 -40.16
CA VAL B 428 3.16 14.28 -41.42
C VAL B 428 4.50 13.55 -41.49
N LEU B 429 4.49 12.39 -42.16
CA LEU B 429 5.69 11.59 -42.39
C LEU B 429 5.91 11.36 -43.87
N GLN B 430 5.72 12.40 -44.67
CA GLN B 430 5.83 12.28 -46.13
C GLN B 430 7.29 12.15 -46.56
N HIS B 431 8.04 13.24 -46.48
CA HIS B 431 9.43 13.28 -46.94
C HIS B 431 10.35 13.26 -45.72
N SER B 432 11.10 12.17 -45.56
CA SER B 432 12.06 12.05 -44.47
C SER B 432 13.50 11.99 -44.94
N TRP B 433 13.75 11.68 -46.22
CA TRP B 433 15.11 11.61 -46.73
C TRP B 433 15.76 12.99 -46.84
N ILE B 434 14.96 14.05 -46.97
CA ILE B 434 15.53 15.39 -47.05
C ILE B 434 16.22 15.77 -45.74
N PHE B 435 15.72 15.26 -44.61
CA PHE B 435 16.38 15.54 -43.33
C PHE B 435 17.78 14.95 -43.31
N TYR B 436 17.92 13.68 -43.71
CA TYR B 436 19.24 13.06 -43.77
C TYR B 436 20.11 13.75 -44.82
N PHE B 437 19.50 14.24 -45.90
CA PHE B 437 20.25 14.95 -46.93
C PHE B 437 20.88 16.22 -46.36
N VAL B 438 20.08 17.06 -45.71
CA VAL B 438 20.61 18.27 -45.10
C VAL B 438 21.58 17.95 -43.98
N ALA B 439 21.33 16.87 -43.22
CA ALA B 439 22.26 16.48 -42.17
C ALA B 439 23.62 16.11 -42.73
N ALA B 440 23.63 15.32 -43.81
CA ALA B 440 24.89 14.94 -44.44
C ALA B 440 25.59 16.16 -45.02
N LEU B 441 24.85 17.07 -45.66
CA LEU B 441 25.47 18.26 -46.22
C LEU B 441 26.06 19.15 -45.14
N TRP B 442 25.35 19.31 -44.02
CA TRP B 442 25.89 20.11 -42.93
C TRP B 442 27.11 19.44 -42.31
N GLY B 443 27.11 18.11 -42.24
CA GLY B 443 28.30 17.41 -41.78
C GLY B 443 29.50 17.64 -42.69
N VAL B 444 29.27 17.56 -44.01
CA VAL B 444 30.32 17.86 -44.97
C VAL B 444 30.87 19.27 -44.75
N GLY B 445 29.98 20.26 -44.70
CA GLY B 445 30.43 21.62 -44.51
C GLY B 445 31.18 21.83 -43.21
N SER B 446 30.67 21.28 -42.12
CA SER B 446 31.29 21.47 -40.81
C SER B 446 32.66 20.81 -40.75
N ALA B 447 32.77 19.58 -41.23
CA ALA B 447 34.05 18.89 -41.21
C ALA B 447 35.07 19.59 -42.10
N LEU B 448 34.64 20.02 -43.30
CA LEU B 448 35.56 20.73 -44.19
C LEU B 448 36.04 22.02 -43.55
N ASN B 449 35.12 22.80 -42.97
CA ASN B 449 35.51 24.06 -42.35
C ASN B 449 36.43 23.83 -41.16
N LYS B 450 36.14 22.83 -40.34
CA LYS B 450 36.96 22.57 -39.16
C LYS B 450 38.37 22.13 -39.56
N THR B 451 38.48 21.20 -40.51
CA THR B 451 39.80 20.75 -40.93
C THR B 451 40.56 21.86 -41.66
N GLY B 452 39.86 22.73 -42.39
CA GLY B 452 40.54 23.85 -43.02
C GLY B 452 41.06 24.85 -42.01
N LEU B 453 40.25 25.18 -40.99
CA LEU B 453 40.72 26.02 -39.91
C LEU B 453 41.94 25.42 -39.22
N SER B 454 41.89 24.12 -38.93
CA SER B 454 43.00 23.46 -38.26
C SER B 454 44.27 23.52 -39.11
N THR B 455 44.16 23.17 -40.39
CA THR B 455 45.33 23.16 -41.25
C THR B 455 45.89 24.56 -41.46
N LEU B 456 45.02 25.56 -41.62
CA LEU B 456 45.50 26.92 -41.79
C LEU B 456 46.18 27.43 -40.52
N LEU B 457 45.62 27.11 -39.35
CA LEU B 457 46.23 27.55 -38.10
C LEU B 457 47.54 26.84 -37.83
N GLY B 458 47.68 25.60 -38.31
CA GLY B 458 48.95 24.90 -38.19
C GLY B 458 49.99 25.37 -39.19
N ILE B 459 49.55 25.86 -40.35
CA ILE B 459 50.51 26.31 -41.37
C ILE B 459 50.99 27.72 -41.07
N LEU B 460 50.08 28.63 -40.68
CA LEU B 460 50.47 30.02 -40.47
C LEU B 460 51.45 30.18 -39.31
N TYR B 461 51.37 29.31 -38.31
CA TYR B 461 52.25 29.37 -37.15
C TYR B 461 52.96 28.04 -37.00
N GLU B 462 54.29 28.06 -37.06
CA GLU B 462 55.09 26.85 -36.97
C GLU B 462 55.85 26.71 -35.67
N ASP B 463 55.94 27.76 -34.87
CA ASP B 463 56.68 27.69 -33.62
C ASP B 463 55.80 27.11 -32.52
N LYS B 464 56.44 26.48 -31.54
CA LYS B 464 55.71 25.75 -30.51
C LYS B 464 54.88 26.70 -29.63
N GLU B 465 55.51 27.78 -29.14
CA GLU B 465 54.74 28.73 -28.34
C GLU B 465 53.68 29.42 -29.17
N ARG B 466 53.98 29.72 -30.44
CA ARG B 466 52.98 30.28 -31.34
C ARG B 466 51.82 29.30 -31.53
N GLN B 467 52.14 28.03 -31.73
CA GLN B 467 51.11 27.00 -31.89
C GLN B 467 50.20 26.97 -30.67
N ASP B 468 50.79 26.87 -29.48
CA ASP B 468 50.01 26.80 -28.25
C ASP B 468 49.15 28.05 -28.08
N PHE B 469 49.73 29.23 -28.32
CA PHE B 469 49.01 30.48 -28.12
C PHE B 469 47.82 30.59 -29.06
N ILE B 470 48.05 30.36 -30.36
CA ILE B 470 46.98 30.51 -31.33
C ILE B 470 45.90 29.46 -31.11
N PHE B 471 46.29 28.23 -30.78
CA PHE B 471 45.29 27.20 -30.50
C PHE B 471 44.47 27.55 -29.27
N THR B 472 45.11 28.10 -28.24
CA THR B 472 44.40 28.51 -27.04
C THR B 472 43.39 29.61 -27.33
N ILE B 473 43.82 30.63 -28.09
CA ILE B 473 42.90 31.73 -28.42
C ILE B 473 41.75 31.24 -29.28
N TYR B 474 42.05 30.38 -30.27
CA TYR B 474 40.99 29.86 -31.13
C TYR B 474 39.97 29.06 -30.33
N HIS B 475 40.45 28.17 -29.45
CA HIS B 475 39.51 27.36 -28.69
C HIS B 475 38.77 28.17 -27.64
N TRP B 476 39.39 29.22 -27.11
CA TRP B 476 38.68 30.10 -26.20
C TRP B 476 37.57 30.86 -26.91
N TRP B 477 37.84 31.35 -28.12
CA TRP B 477 36.78 32.01 -28.89
C TRP B 477 35.68 31.03 -29.27
N GLN B 478 36.05 29.78 -29.55
CA GLN B 478 35.02 28.76 -29.82
C GLN B 478 34.16 28.52 -28.58
N ALA B 479 34.78 28.48 -27.40
CA ALA B 479 34.02 28.31 -26.17
C ALA B 479 33.12 29.51 -25.91
N VAL B 480 33.59 30.72 -26.22
CA VAL B 480 32.75 31.90 -26.06
C VAL B 480 31.58 31.85 -27.02
N ALA B 481 31.81 31.33 -28.24
CA ALA B 481 30.71 31.15 -29.19
C ALA B 481 29.70 30.14 -28.66
N ILE B 482 30.17 29.04 -28.08
CA ILE B 482 29.27 28.06 -27.49
C ILE B 482 28.46 28.69 -26.36
N PHE B 483 29.11 29.50 -25.52
CA PHE B 483 28.42 30.16 -24.42
C PHE B 483 27.39 31.16 -24.92
N VAL B 484 27.70 31.87 -26.02
CA VAL B 484 26.76 32.81 -26.59
C VAL B 484 25.54 32.08 -27.16
N VAL B 485 25.77 30.97 -27.86
CA VAL B 485 24.64 30.19 -28.36
C VAL B 485 23.81 29.63 -27.20
N TYR B 486 24.47 29.27 -26.10
CA TYR B 486 23.75 28.88 -24.89
C TYR B 486 22.86 30.02 -24.40
N LEU B 487 23.40 31.24 -24.38
CA LEU B 487 22.58 32.41 -24.09
C LEU B 487 21.57 32.67 -25.20
N GLY B 488 21.84 32.20 -26.42
CA GLY B 488 20.93 32.35 -27.54
C GLY B 488 19.79 31.37 -27.59
N SER B 489 19.45 30.73 -26.46
CA SER B 489 18.34 29.81 -26.42
C SER B 489 17.03 30.58 -26.21
N SER B 490 15.92 29.88 -26.44
CA SER B 490 14.57 30.45 -26.30
C SER B 490 14.38 31.68 -27.19
N LEU B 491 15.09 31.71 -28.32
CA LEU B 491 15.00 32.79 -29.27
C LEU B 491 14.09 32.42 -30.43
N PRO B 492 13.53 33.42 -31.13
CA PRO B 492 12.65 33.09 -32.27
C PRO B 492 13.34 32.31 -33.37
N MET B 493 14.46 32.83 -33.88
CA MET B 493 15.21 32.14 -34.93
C MET B 493 16.64 32.67 -34.95
N LYS B 494 17.60 31.75 -35.03
CA LYS B 494 19.01 32.10 -35.07
C LYS B 494 19.60 31.98 -36.47
N ALA B 495 18.77 32.00 -37.50
CA ALA B 495 19.26 31.84 -38.87
C ALA B 495 19.78 33.15 -39.45
N LYS B 496 19.16 34.28 -39.12
CA LYS B 496 19.60 35.56 -39.67
C LYS B 496 20.99 35.93 -39.16
N LEU B 497 21.21 35.78 -37.85
CA LEU B 497 22.54 36.01 -37.30
C LEU B 497 23.56 35.07 -37.92
N ALA B 498 23.19 33.80 -38.11
CA ALA B 498 24.11 32.84 -38.70
C ALA B 498 24.49 33.25 -40.12
N VAL B 499 23.51 33.62 -40.94
CA VAL B 499 23.81 33.93 -42.34
C VAL B 499 24.59 35.24 -42.43
N LEU B 500 24.28 36.22 -41.58
CA LEU B 500 25.05 37.46 -41.61
C LEU B 500 26.49 37.20 -41.16
N LEU B 501 26.69 36.27 -40.23
CA LEU B 501 28.04 35.95 -39.80
C LEU B 501 28.81 35.21 -40.89
N VAL B 502 28.14 34.30 -41.62
CA VAL B 502 28.81 33.60 -42.71
C VAL B 502 29.16 34.57 -43.83
N THR B 503 28.34 35.59 -44.06
CA THR B 503 28.66 36.56 -45.11
C THR B 503 29.71 37.56 -44.62
N LEU B 504 29.79 37.81 -43.31
CA LEU B 504 30.84 38.67 -42.79
C LEU B 504 32.20 37.97 -42.80
N VAL B 505 32.21 36.65 -42.61
CA VAL B 505 33.47 35.92 -42.62
C VAL B 505 33.95 35.54 -44.02
N ALA B 506 33.06 35.23 -44.98
CA ALA B 506 33.55 34.90 -46.35
C ALA B 506 34.44 36.03 -46.95
N ALA B 507 33.88 37.23 -46.93
CA ALA B 507 34.63 38.38 -47.40
C ALA B 507 35.87 38.56 -46.52
N ALA B 508 35.70 38.45 -45.20
CA ALA B 508 36.84 38.63 -44.30
C ALA B 508 37.93 37.60 -44.51
N ALA B 509 37.55 36.35 -44.72
CA ALA B 509 38.51 35.28 -44.91
C ALA B 509 39.29 35.53 -46.18
N SER B 510 38.59 35.95 -47.22
CA SER B 510 39.28 36.23 -48.47
C SER B 510 40.24 37.42 -48.30
N TYR B 511 39.75 38.39 -47.55
CA TYR B 511 40.46 39.61 -47.23
C TYR B 511 41.84 39.32 -46.67
N LEU B 512 41.91 38.42 -45.69
CA LEU B 512 43.20 38.08 -45.08
C LEU B 512 44.17 37.52 -46.10
N TRP B 513 43.69 36.70 -47.03
CA TRP B 513 44.57 36.07 -48.01
C TRP B 513 45.04 37.08 -49.06
N MET B 514 44.26 38.14 -49.31
CA MET B 514 44.61 39.09 -50.35
C MET B 514 45.78 40.00 -49.94
N GLU B 515 46.12 40.05 -48.65
CA GLU B 515 47.22 40.88 -48.19
C GLU B 515 48.50 40.08 -47.95
N GLN B 516 48.40 38.76 -47.82
CA GLN B 516 49.61 37.94 -47.63
C GLN B 516 50.38 37.79 -48.94
N LYS B 517 49.71 37.94 -50.08
CA LYS B 517 50.39 37.83 -51.36
C LYS B 517 51.16 39.09 -51.72
N LEU B 518 50.70 40.25 -51.25
CA LEU B 518 51.38 41.52 -51.53
C LEU B 518 52.50 41.83 -50.55
N GLN B 519 52.84 40.89 -49.65
CA GLN B 519 53.91 41.05 -48.68
C GLN B 519 53.68 42.27 -47.80
N GLN B 520 52.80 42.14 -46.81
CA GLN B 520 52.54 43.24 -45.89
C GLN B 520 53.61 43.33 -44.81
N GLY B 521 53.93 42.21 -44.18
CA GLY B 521 55.02 42.14 -43.23
C GLY B 521 54.66 42.59 -41.82
N LEU B 522 54.15 41.67 -41.01
CA LEU B 522 53.86 41.95 -39.61
C LEU B 522 53.77 40.63 -38.86
N VAL B 523 54.54 40.51 -37.78
CA VAL B 523 54.53 39.31 -36.95
C VAL B 523 54.93 39.68 -35.52
N PRO B 524 54.12 39.33 -34.52
CA PRO B 524 54.49 39.64 -33.13
C PRO B 524 55.72 38.85 -32.72
N ARG B 525 56.65 39.53 -32.04
CA ARG B 525 57.90 38.94 -31.60
C ARG B 525 58.00 39.09 -30.08
N GLN B 526 57.63 38.04 -29.36
CA GLN B 526 57.71 37.99 -27.91
C GLN B 526 58.49 36.75 -27.51
N PRO B 527 59.83 36.80 -27.59
CA PRO B 527 60.67 35.66 -27.25
C PRO B 527 60.72 35.40 -25.74
#